data_5IVA
#
_entry.id   5IVA
#
_cell.length_a   148.923
_cell.length_b   155.985
_cell.length_c   115.654
_cell.angle_alpha   90.00
_cell.angle_beta   90.00
_cell.angle_gamma   90.00
#
_symmetry.space_group_name_H-M   'C 2 2 21'
#
loop_
_entity.id
_entity.type
_entity.pdbx_description
1 polymer 'LPS-assembly protein LptD'
2 polymer 'LPS-assembly lipoprotein LptE'
3 non-polymer (HYDROXYETHYLOXY)TRI(ETHYLOXY)OCTANE
4 water water
#
loop_
_entity_poly.entity_id
_entity_poly.type
_entity_poly.pdbx_seq_one_letter_code
_entity_poly.pdbx_strand_id
1 'polypeptide(L)'
;MSNHHHHHHHHHHENLYFQSMLRVKDFPVFYTPYIYFPIDDRRQSGFLPPSFSSTSDTGFTLVTPYYFNLAPNYDATLYP
RYMAKRGMMLEGEFRYLTHSSEGIVNAAYLNDKDDHREGFPDYSKDRWLYGLKNTTGLDSRWLAEVDYTRISDPYYFQDL
DTDLGVGSTTYVNQRGTLTYRGDTFTGRLNAQAYQLATTTDVTPYDRLPQITFDGFLPYNPGGMQFTYGTEFVRFDRDLD
ENIYFNDDGSIRGKRPDASLQGLARATGDRMHLEPGMSLPMTRSWGYVTPTLKYLYTKYDLDLDSQGKTDLNKRDESFDS
NQDRSLPLVKVDSGLYFDRDTTFAGTPFRQTLEPRAMYLYVPYKDQDSLPVFDTSEPSFSYDSLWRENRFTGKDRIGDAN
QLSLGVTSRFIEENGFERASISAGQIYYFRDRRVQLPGLTEKDLKRLNLDPSGLDNDSWRSPYAFAGQYRFNRDWRINSD
FNWNPNTSRTESGSAIFHYQPEVDPGKVVNVGYRYRADARRFDSSRGTFRYGNENDIIKQHDFSVIWPLVPQWSVLARWQ
YDYNKNRTLEAFGGFEYDSCCWKLRLINRYWLDVDDDAFLVQSEKADRGIFLQIVLKGLGGIVGNKTEMFLDKGIQGYRQ
REDQAM
;
A
2 'polypeptide(L)'
;APNTSGFQLRGLGDAQFALKEIDVSARNAYGPTVRELKETLENSGVKVTSNAPYHLVLVREDNQQRTVSYTGSARGAEFE
LTNTINYEIVGANDLVLMSNQVQVQKVYVHDENNLIGSDQEAAQLRSEMRRDLIQQLSMRLQALTPAQLDEAQRQAEAKA
KAEAEALRAADEAERQRRAAEPQQSPIEFPTP
;
B
#
loop_
_chem_comp.id
_chem_comp.type
_chem_comp.name
_chem_comp.formula
C8E non-polymer (HYDROXYETHYLOXY)TRI(ETHYLOXY)OCTANE 'C16 H34 O5'
#
# COMPACT_ATOMS: atom_id res chain seq x y z
N ILE A 39 -14.06 18.58 33.38
CA ILE A 39 -15.23 18.73 32.52
C ILE A 39 -15.85 17.38 32.20
N ASP A 40 -15.00 16.35 32.07
CA ASP A 40 -15.38 15.04 31.55
C ASP A 40 -16.05 15.26 30.19
N ASP A 41 -17.33 14.95 30.11
CA ASP A 41 -18.12 15.15 28.90
C ASP A 41 -17.56 14.52 27.63
N ARG A 42 -16.61 13.58 27.76
CA ARG A 42 -16.20 12.78 26.62
C ARG A 42 -17.32 11.79 26.34
N ARG A 43 -18.01 11.41 27.41
CA ARG A 43 -19.14 10.48 27.32
C ARG A 43 -20.42 11.20 26.91
N GLN A 44 -20.51 11.53 25.63
CA GLN A 44 -21.77 12.00 25.06
C GLN A 44 -22.62 10.77 24.77
N SER A 45 -23.29 10.27 25.80
CA SER A 45 -24.14 9.10 25.67
C SER A 45 -25.51 9.48 25.11
N GLY A 46 -25.54 10.58 24.36
CA GLY A 46 -26.74 11.04 23.70
C GLY A 46 -26.51 11.25 22.22
N PHE A 47 -27.33 12.11 21.63
CA PHE A 47 -27.28 12.37 20.19
C PHE A 47 -26.05 13.17 19.79
N LEU A 48 -25.42 12.74 18.70
CA LEU A 48 -24.29 13.44 18.12
C LEU A 48 -24.81 14.43 17.07
N PRO A 49 -24.20 15.62 16.97
CA PRO A 49 -24.56 16.64 15.98
C PRO A 49 -24.79 16.07 14.58
N PRO A 50 -26.03 16.18 14.08
CA PRO A 50 -26.52 15.58 12.84
C PRO A 50 -25.89 16.16 11.57
N SER A 51 -26.31 15.67 10.41
CA SER A 51 -25.83 16.20 9.14
C SER A 51 -26.85 16.04 8.01
N PHE A 52 -26.93 17.04 7.15
CA PHE A 52 -27.88 17.05 6.04
C PHE A 52 -27.16 16.99 4.69
N SER A 53 -27.84 16.44 3.69
CA SER A 53 -27.26 16.29 2.35
C SER A 53 -28.34 16.29 1.27
N SER A 54 -28.32 17.31 0.42
CA SER A 54 -29.24 17.35 -0.73
C SER A 54 -28.45 17.23 -2.02
N THR A 55 -28.40 16.03 -2.59
CA THR A 55 -27.54 15.75 -3.71
C THR A 55 -28.26 15.73 -5.05
N SER A 56 -29.56 16.05 -5.03
CA SER A 56 -30.40 16.06 -6.24
C SER A 56 -30.40 14.73 -6.99
N ASP A 57 -29.82 13.71 -6.37
CA ASP A 57 -29.81 12.36 -6.91
C ASP A 57 -30.26 11.39 -5.84
N THR A 58 -29.68 11.55 -4.65
CA THR A 58 -30.10 10.79 -3.48
C THR A 58 -31.19 11.59 -2.76
N GLY A 59 -31.37 12.84 -3.20
CA GLY A 59 -32.38 13.71 -2.63
C GLY A 59 -32.03 14.17 -1.23
N PHE A 60 -33.06 14.43 -0.42
CA PHE A 60 -32.86 14.84 0.96
C PHE A 60 -32.36 13.67 1.81
N THR A 61 -31.27 13.91 2.53
CA THR A 61 -30.68 12.88 3.38
C THR A 61 -30.29 13.43 4.73
N LEU A 62 -30.90 12.91 5.79
CA LEU A 62 -30.61 13.35 7.15
C LEU A 62 -30.01 12.22 7.98
N VAL A 63 -28.83 12.46 8.55
CA VAL A 63 -28.25 11.49 9.47
C VAL A 63 -28.19 12.09 10.87
N THR A 64 -28.53 11.27 11.86
CA THR A 64 -28.58 11.69 13.26
C THR A 64 -27.90 10.66 14.17
N PRO A 65 -26.57 10.71 14.24
CA PRO A 65 -25.75 9.73 14.96
C PRO A 65 -26.01 9.68 16.45
N TYR A 66 -25.87 8.50 17.05
CA TYR A 66 -25.95 8.33 18.49
C TYR A 66 -24.71 7.61 18.98
N TYR A 67 -24.02 8.21 19.94
CA TYR A 67 -22.74 7.66 20.40
C TYR A 67 -22.87 6.92 21.73
N PHE A 68 -22.95 5.60 21.66
CA PHE A 68 -22.96 4.77 22.85
C PHE A 68 -21.59 4.80 23.53
N ASN A 69 -21.49 5.56 24.60
CA ASN A 69 -20.25 5.64 25.36
C ASN A 69 -20.25 4.69 26.55
N LEU A 70 -20.29 3.40 26.26
CA LEU A 70 -19.96 2.39 27.26
C LEU A 70 -18.45 2.21 27.22
N ALA A 71 -17.74 3.31 27.40
CA ALA A 71 -16.34 3.39 26.99
C ALA A 71 -15.34 3.67 28.11
N PRO A 72 -14.96 2.63 28.87
CA PRO A 72 -13.73 2.72 29.64
C PRO A 72 -12.54 2.48 28.71
N ASN A 73 -12.79 1.72 27.65
CA ASN A 73 -11.77 1.42 26.65
C ASN A 73 -12.36 1.01 25.30
N TYR A 74 -13.68 0.82 25.25
CA TYR A 74 -14.35 0.43 24.00
C TYR A 74 -15.68 1.14 23.83
N ASP A 75 -15.97 1.61 22.62
CA ASP A 75 -17.17 2.40 22.38
C ASP A 75 -18.06 1.82 21.29
N ALA A 76 -19.24 2.41 21.14
CA ALA A 76 -20.18 1.99 20.09
C ALA A 76 -20.84 3.20 19.46
N THR A 77 -21.30 3.06 18.22
CA THR A 77 -21.93 4.18 17.52
C THR A 77 -23.01 3.70 16.54
N LEU A 78 -24.15 4.40 16.56
CA LEU A 78 -25.27 4.08 15.68
C LEU A 78 -25.53 5.20 14.67
N TYR A 79 -25.61 4.83 13.40
CA TYR A 79 -25.82 5.80 12.32
C TYR A 79 -27.12 5.54 11.57
N PRO A 80 -28.21 6.14 12.04
CA PRO A 80 -29.52 6.01 11.36
C PRO A 80 -29.68 7.01 10.21
N ARG A 81 -29.33 6.60 8.99
CA ARG A 81 -29.43 7.49 7.85
C ARG A 81 -30.80 7.42 7.18
N TYR A 82 -31.50 8.55 7.16
CA TYR A 82 -32.73 8.66 6.40
C TYR A 82 -32.44 9.26 5.03
N MET A 83 -32.96 8.63 3.99
CA MET A 83 -32.77 9.12 2.64
C MET A 83 -34.15 9.36 2.00
N ALA A 84 -34.19 10.16 0.94
CA ALA A 84 -35.45 10.49 0.28
C ALA A 84 -35.75 9.48 -0.82
N LYS A 85 -34.83 9.40 -1.77
CA LYS A 85 -34.98 8.46 -2.89
C LYS A 85 -34.93 7.02 -2.40
N ARG A 86 -34.17 6.78 -1.34
CA ARG A 86 -34.09 5.46 -0.73
C ARG A 86 -34.79 5.45 0.63
N GLY A 87 -34.93 4.26 1.21
CA GLY A 87 -35.62 4.12 2.48
C GLY A 87 -34.76 4.44 3.67
N MET A 88 -35.31 4.22 4.87
CA MET A 88 -34.57 4.43 6.10
C MET A 88 -33.56 3.31 6.31
N MET A 89 -32.32 3.68 6.63
CA MET A 89 -31.28 2.69 6.88
C MET A 89 -30.58 2.92 8.21
N LEU A 90 -29.90 1.90 8.69
CA LEU A 90 -29.15 2.03 9.94
C LEU A 90 -27.79 1.32 9.89
N GLU A 91 -26.80 1.94 10.50
CA GLU A 91 -25.46 1.36 10.59
C GLU A 91 -25.04 1.21 12.05
N GLY A 92 -24.22 0.20 12.31
CA GLY A 92 -23.70 -0.04 13.64
C GLY A 92 -22.20 -0.24 13.63
N GLU A 93 -21.49 0.65 14.32
CA GLU A 93 -20.04 0.57 14.38
C GLU A 93 -19.57 0.35 15.82
N PHE A 94 -19.08 -0.85 16.10
CA PHE A 94 -18.53 -1.17 17.41
C PHE A 94 -17.01 -1.11 17.37
N ARG A 95 -16.40 -0.52 18.38
CA ARG A 95 -14.94 -0.42 18.43
C ARG A 95 -14.40 -0.84 19.80
N TYR A 96 -13.35 -1.66 19.80
CA TYR A 96 -12.71 -2.02 21.05
C TYR A 96 -11.18 -1.97 20.93
N LEU A 97 -10.55 -1.36 21.94
CA LEU A 97 -9.12 -1.12 21.95
C LEU A 97 -8.54 -1.38 23.33
N THR A 98 -7.78 -2.46 23.47
CA THR A 98 -7.16 -2.81 24.74
C THR A 98 -5.72 -3.29 24.55
N HIS A 99 -4.98 -3.38 25.65
CA HIS A 99 -3.67 -4.00 25.61
C HIS A 99 -3.81 -5.41 25.05
N SER A 100 -3.02 -5.70 24.01
CA SER A 100 -3.02 -7.00 23.33
C SER A 100 -4.28 -7.28 22.50
N SER A 101 -5.12 -6.26 22.28
CA SER A 101 -6.30 -6.46 21.45
C SER A 101 -6.81 -5.19 20.77
N GLU A 102 -7.33 -5.36 19.56
CA GLU A 102 -7.84 -4.23 18.78
C GLU A 102 -8.83 -4.72 17.74
N GLY A 103 -9.95 -4.03 17.59
CA GLY A 103 -10.92 -4.45 16.60
C GLY A 103 -12.11 -3.53 16.37
N ILE A 104 -12.65 -3.59 15.17
CA ILE A 104 -13.85 -2.83 14.81
C ILE A 104 -14.84 -3.71 14.05
N VAL A 105 -16.07 -3.77 14.56
CA VAL A 105 -17.13 -4.54 13.92
C VAL A 105 -18.13 -3.59 13.25
N ASN A 106 -18.55 -3.94 12.04
CA ASN A 106 -19.45 -3.09 11.27
C ASN A 106 -20.70 -3.82 10.77
N ALA A 107 -21.84 -3.15 10.86
CA ALA A 107 -23.10 -3.66 10.34
C ALA A 107 -23.89 -2.55 9.68
N ALA A 108 -24.82 -2.93 8.80
CA ALA A 108 -25.62 -1.96 8.06
C ALA A 108 -26.80 -2.62 7.37
N TYR A 109 -27.98 -2.02 7.47
CA TYR A 109 -29.16 -2.53 6.77
C TYR A 109 -30.03 -1.41 6.20
N LEU A 110 -30.62 -1.69 5.04
CA LEU A 110 -31.53 -0.78 4.35
C LEU A 110 -32.54 -1.56 3.52
N ASN A 111 -33.82 -1.23 3.70
CA ASN A 111 -34.85 -1.76 2.82
C ASN A 111 -35.01 -0.81 1.63
N ASP A 112 -34.62 -1.28 0.45
CA ASP A 112 -34.49 -0.42 -0.71
C ASP A 112 -35.82 0.16 -1.20
N LYS A 113 -36.02 1.44 -0.95
CA LYS A 113 -37.16 2.16 -1.51
C LYS A 113 -36.91 2.44 -2.99
N ASP A 114 -35.72 2.95 -3.29
CA ASP A 114 -35.32 3.24 -4.66
C ASP A 114 -35.35 1.96 -5.47
N ASP A 115 -35.72 2.08 -6.74
CA ASP A 115 -35.93 0.92 -7.59
C ASP A 115 -35.27 1.16 -8.94
N HIS A 116 -35.66 0.36 -9.93
CA HIS A 116 -35.24 0.52 -11.32
C HIS A 116 -33.74 0.32 -11.49
N ARG A 117 -33.14 -0.36 -10.53
CA ARG A 117 -31.85 -0.99 -10.71
C ARG A 117 -32.14 -2.49 -10.84
N GLU A 118 -33.39 -2.78 -11.18
CA GLU A 118 -33.90 -4.14 -11.29
C GLU A 118 -33.23 -4.94 -12.38
N GLY A 119 -33.21 -4.38 -13.60
CA GLY A 119 -32.64 -5.05 -14.75
C GLY A 119 -31.18 -5.41 -14.57
N PHE A 120 -30.52 -4.73 -13.64
CA PHE A 120 -29.14 -5.01 -13.31
C PHE A 120 -29.03 -6.37 -12.62
N PRO A 121 -28.01 -7.16 -12.98
CA PRO A 121 -27.81 -8.48 -12.38
C PRO A 121 -27.30 -8.39 -10.94
N ASP A 122 -27.47 -9.47 -10.18
CA ASP A 122 -27.08 -9.52 -8.76
C ASP A 122 -27.72 -8.39 -7.97
N TYR A 123 -28.98 -8.10 -8.27
CA TYR A 123 -29.69 -7.00 -7.62
C TYR A 123 -30.50 -7.49 -6.41
N SER A 124 -30.39 -6.75 -5.32
CA SER A 124 -31.12 -7.07 -4.09
C SER A 124 -31.86 -5.85 -3.55
N LYS A 125 -33.03 -6.09 -2.95
CA LYS A 125 -33.81 -5.02 -2.36
C LYS A 125 -33.52 -4.89 -0.87
N ASP A 126 -32.99 -5.95 -0.28
CA ASP A 126 -32.58 -5.91 1.12
C ASP A 126 -31.08 -5.68 1.20
N ARG A 127 -30.68 -4.42 1.19
CA ARG A 127 -29.26 -4.07 1.23
C ARG A 127 -28.70 -4.29 2.63
N TRP A 128 -27.66 -5.09 2.74
CA TRP A 128 -27.02 -5.31 4.03
C TRP A 128 -25.50 -5.45 3.91
N LEU A 129 -24.81 -5.12 4.99
CA LEU A 129 -23.36 -5.18 5.04
C LEU A 129 -22.93 -5.60 6.45
N TYR A 130 -22.09 -6.63 6.55
CA TYR A 130 -21.58 -7.00 7.86
C TYR A 130 -20.14 -7.49 7.77
N GLY A 131 -19.30 -6.96 8.65
CA GLY A 131 -17.88 -7.28 8.63
C GLY A 131 -17.18 -7.13 9.96
N LEU A 132 -16.03 -7.79 10.07
CA LEU A 132 -15.24 -7.77 11.30
C LEU A 132 -13.77 -7.51 10.98
N LYS A 133 -13.22 -6.45 11.54
CA LYS A 133 -11.79 -6.18 11.41
C LYS A 133 -11.11 -6.31 12.77
N ASN A 134 -10.66 -7.53 13.05
CA ASN A 134 -10.11 -7.87 14.36
C ASN A 134 -8.59 -8.07 14.34
N THR A 135 -7.99 -8.06 15.52
CA THR A 135 -6.56 -8.28 15.70
C THR A 135 -6.29 -8.53 17.18
N THR A 136 -5.93 -9.77 17.52
CA THR A 136 -5.71 -10.14 18.92
C THR A 136 -4.36 -10.81 19.13
N GLY A 137 -3.74 -10.52 20.27
CA GLY A 137 -2.51 -11.17 20.66
C GLY A 137 -1.25 -10.47 20.18
N LEU A 138 -1.18 -9.15 20.38
CA LEU A 138 0.00 -8.39 20.00
C LEU A 138 1.12 -8.56 21.01
N ASP A 139 0.77 -9.06 22.20
CA ASP A 139 1.75 -9.29 23.25
C ASP A 139 2.32 -10.71 23.19
N SER A 140 1.52 -11.61 22.63
CA SER A 140 1.89 -13.02 22.55
C SER A 140 2.53 -13.35 21.21
N ARG A 141 2.99 -14.59 21.06
CA ARG A 141 3.58 -15.04 19.82
C ARG A 141 2.50 -15.52 18.86
N TRP A 142 1.26 -15.49 19.30
CA TRP A 142 0.14 -15.93 18.49
C TRP A 142 -0.74 -14.75 18.07
N LEU A 143 -0.52 -14.26 16.86
CA LEU A 143 -1.29 -13.14 16.33
C LEU A 143 -2.48 -13.61 15.51
N ALA A 144 -3.67 -13.25 15.95
CA ALA A 144 -4.88 -13.60 15.23
C ALA A 144 -5.51 -12.37 14.60
N GLU A 145 -5.23 -12.17 13.32
CA GLU A 145 -5.81 -11.07 12.55
C GLU A 145 -7.04 -11.52 11.80
N VAL A 146 -8.03 -10.63 11.68
CA VAL A 146 -9.23 -10.89 10.90
C VAL A 146 -9.60 -9.66 10.08
N ASP A 147 -9.89 -9.87 8.80
CA ASP A 147 -10.34 -8.78 7.94
C ASP A 147 -11.46 -9.28 7.03
N TYR A 148 -12.65 -9.38 7.58
CA TYR A 148 -13.79 -9.92 6.86
C TYR A 148 -14.81 -8.82 6.56
N THR A 149 -15.45 -8.91 5.40
CA THR A 149 -16.48 -7.95 5.02
C THR A 149 -17.39 -8.53 3.94
N ARG A 150 -18.65 -8.76 4.29
CA ARG A 150 -19.61 -9.29 3.34
C ARG A 150 -20.73 -8.30 3.02
N ILE A 151 -20.93 -8.04 1.74
CA ILE A 151 -21.99 -7.16 1.28
C ILE A 151 -23.12 -7.97 0.65
N SER A 152 -24.25 -7.31 0.38
CA SER A 152 -25.41 -7.99 -0.19
C SER A 152 -25.34 -8.02 -1.71
N ASP A 153 -24.88 -6.93 -2.31
CA ASP A 153 -24.83 -6.81 -3.76
C ASP A 153 -23.71 -5.87 -4.18
N PRO A 154 -23.17 -6.07 -5.40
CA PRO A 154 -22.06 -5.26 -5.93
C PRO A 154 -22.34 -3.76 -5.97
N TYR A 155 -23.61 -3.37 -5.90
CA TYR A 155 -23.98 -1.96 -6.03
C TYR A 155 -24.18 -1.29 -4.67
N TYR A 156 -23.67 -1.93 -3.62
CA TYR A 156 -23.82 -1.40 -2.28
C TYR A 156 -23.05 -0.10 -2.08
N PHE A 157 -21.80 -0.08 -2.54
CA PHE A 157 -20.95 1.09 -2.37
C PHE A 157 -21.21 2.15 -3.44
N GLN A 158 -21.82 1.73 -4.55
CA GLN A 158 -22.10 2.64 -5.65
C GLN A 158 -23.38 3.42 -5.41
N ASP A 159 -24.11 3.05 -4.36
CA ASP A 159 -25.40 3.66 -4.07
C ASP A 159 -25.46 4.26 -2.66
N LEU A 160 -24.85 3.58 -1.70
CA LEU A 160 -24.97 3.97 -0.30
C LEU A 160 -23.70 4.61 0.26
N ASP A 161 -22.55 4.19 -0.25
CA ASP A 161 -21.28 4.69 0.27
C ASP A 161 -20.99 6.12 -0.19
N THR A 162 -20.77 7.00 0.78
CA THR A 162 -20.42 8.39 0.50
C THR A 162 -19.16 8.76 1.27
N ASP A 163 -18.78 7.90 2.21
CA ASP A 163 -17.60 8.11 3.03
C ASP A 163 -16.36 8.21 2.14
N LEU A 164 -16.14 7.18 1.34
CA LEU A 164 -15.14 7.23 0.28
C LEU A 164 -15.76 7.91 -0.94
N GLY A 165 -15.64 9.22 -1.02
CA GLY A 165 -16.34 10.01 -2.01
C GLY A 165 -15.87 9.84 -3.45
N VAL A 166 -14.68 10.34 -3.74
CA VAL A 166 -14.15 10.35 -5.10
C VAL A 166 -14.10 8.96 -5.72
N GLY A 167 -13.31 8.09 -5.13
CA GLY A 167 -13.23 6.71 -5.58
C GLY A 167 -14.25 5.85 -4.88
N SER A 168 -14.36 4.60 -5.29
CA SER A 168 -15.24 3.63 -4.64
C SER A 168 -14.64 2.24 -4.78
N THR A 169 -14.49 1.55 -3.66
CA THR A 169 -13.87 0.24 -3.66
C THR A 169 -14.59 -0.76 -4.57
N THR A 170 -13.82 -1.49 -5.35
CA THR A 170 -14.38 -2.47 -6.28
C THR A 170 -14.32 -3.87 -5.68
N TYR A 171 -13.94 -3.94 -4.41
CA TYR A 171 -13.83 -5.21 -3.71
C TYR A 171 -13.78 -4.99 -2.20
N VAL A 172 -14.00 -6.07 -1.45
CA VAL A 172 -13.83 -6.05 0.00
C VAL A 172 -13.09 -7.31 0.46
N ASN A 173 -12.35 -7.19 1.55
CA ASN A 173 -11.51 -8.27 2.04
C ASN A 173 -12.27 -9.31 2.85
N GLN A 174 -12.00 -10.58 2.55
CA GLN A 174 -12.51 -11.69 3.36
C GLN A 174 -11.36 -12.59 3.76
N ARG A 175 -10.56 -12.14 4.73
CA ARG A 175 -9.37 -12.88 5.11
C ARG A 175 -9.29 -13.15 6.61
N GLY A 176 -8.58 -14.22 6.97
CA GLY A 176 -8.34 -14.56 8.35
C GLY A 176 -6.95 -15.13 8.48
N THR A 177 -6.15 -14.55 9.38
CA THR A 177 -4.74 -14.92 9.49
C THR A 177 -4.34 -15.32 10.91
N LEU A 178 -3.72 -16.49 11.03
CA LEU A 178 -3.12 -16.92 12.28
C LEU A 178 -1.60 -16.95 12.11
N THR A 179 -0.87 -16.35 13.03
CA THR A 179 0.57 -16.23 12.87
C THR A 179 1.35 -16.55 14.14
N TYR A 180 2.20 -17.58 14.07
CA TYR A 180 3.18 -17.80 15.13
C TYR A 180 4.48 -17.14 14.73
N ARG A 181 5.14 -16.52 15.70
CA ARG A 181 6.34 -15.73 15.44
C ARG A 181 7.44 -15.99 16.46
N GLY A 182 8.19 -17.06 16.26
CA GLY A 182 9.32 -17.37 17.12
C GLY A 182 10.43 -16.34 16.94
N ASP A 183 11.41 -16.37 17.83
CA ASP A 183 12.54 -15.45 17.72
C ASP A 183 13.41 -15.78 16.51
N THR A 184 13.40 -17.04 16.09
CA THR A 184 14.26 -17.49 15.01
C THR A 184 13.50 -17.73 13.70
N PHE A 185 12.21 -17.99 13.80
CA PHE A 185 11.41 -18.26 12.61
C PHE A 185 10.03 -17.60 12.69
N THR A 186 9.27 -17.72 11.62
CA THR A 186 7.91 -17.18 11.59
C THR A 186 7.03 -18.03 10.69
N GLY A 187 5.98 -18.59 11.28
CA GLY A 187 5.02 -19.39 10.55
C GLY A 187 3.68 -18.69 10.47
N ARG A 188 3.00 -18.82 9.33
CA ARG A 188 1.73 -18.14 9.13
C ARG A 188 0.75 -18.98 8.32
N LEU A 189 -0.43 -19.18 8.88
CA LEU A 189 -1.55 -19.77 8.16
C LEU A 189 -2.52 -18.66 7.78
N ASN A 190 -2.71 -18.47 6.48
CA ASN A 190 -3.55 -17.39 6.00
C ASN A 190 -4.65 -17.88 5.05
N ALA A 191 -5.88 -17.48 5.35
CA ALA A 191 -7.02 -17.81 4.50
C ALA A 191 -7.62 -16.52 3.96
N GLN A 192 -7.19 -16.13 2.77
CA GLN A 192 -7.56 -14.83 2.23
C GLN A 192 -8.40 -14.95 0.95
N ALA A 193 -9.48 -14.19 0.90
CA ALA A 193 -10.34 -14.14 -0.27
C ALA A 193 -10.85 -12.72 -0.48
N TYR A 194 -11.55 -12.49 -1.59
CA TYR A 194 -12.07 -11.17 -1.91
C TYR A 194 -13.48 -11.25 -2.45
N GLN A 195 -14.30 -10.27 -2.09
CA GLN A 195 -15.66 -10.18 -2.62
C GLN A 195 -15.81 -8.96 -3.50
N LEU A 196 -16.16 -9.18 -4.77
CA LEU A 196 -16.30 -8.10 -5.73
C LEU A 196 -17.42 -7.13 -5.39
N ALA A 197 -17.07 -5.85 -5.30
CA ALA A 197 -18.07 -4.80 -5.12
C ALA A 197 -18.38 -4.17 -6.47
N THR A 198 -18.29 -4.98 -7.52
CA THR A 198 -18.60 -4.56 -8.88
C THR A 198 -18.95 -5.76 -9.73
N THR A 199 -19.36 -5.52 -10.96
CA THR A 199 -19.74 -6.61 -11.86
C THR A 199 -18.92 -6.56 -13.14
N THR A 200 -17.89 -5.73 -13.16
CA THR A 200 -17.09 -5.50 -14.36
C THR A 200 -15.63 -5.93 -14.19
N ASP A 201 -15.35 -6.64 -13.10
CA ASP A 201 -14.01 -7.17 -12.88
C ASP A 201 -14.04 -8.69 -12.80
N VAL A 202 -12.94 -9.33 -13.19
CA VAL A 202 -12.84 -10.77 -13.14
C VAL A 202 -12.87 -11.26 -11.69
N THR A 203 -13.33 -12.49 -11.49
CA THR A 203 -13.36 -13.09 -10.17
C THR A 203 -11.94 -13.24 -9.64
N PRO A 204 -11.68 -12.72 -8.43
CA PRO A 204 -10.35 -12.82 -7.82
C PRO A 204 -10.04 -14.23 -7.32
N TYR A 205 -8.77 -14.62 -7.36
CA TYR A 205 -8.35 -15.93 -6.88
C TYR A 205 -8.45 -16.04 -5.37
N ASP A 206 -8.63 -17.26 -4.87
CA ASP A 206 -8.66 -17.49 -3.44
C ASP A 206 -7.41 -18.22 -2.98
N ARG A 207 -6.84 -17.76 -1.87
CA ARG A 207 -5.71 -18.45 -1.24
C ARG A 207 -6.23 -19.16 -0.01
N LEU A 208 -7.00 -20.22 -0.22
CA LEU A 208 -7.76 -20.85 0.85
C LEU A 208 -6.86 -21.36 1.99
N PRO A 209 -5.81 -22.13 1.66
CA PRO A 209 -4.78 -22.24 2.71
C PRO A 209 -3.39 -21.82 2.22
N GLN A 210 -2.95 -20.62 2.62
CA GLN A 210 -1.58 -20.19 2.36
C GLN A 210 -0.72 -20.35 3.61
N ILE A 211 0.17 -21.33 3.60
CA ILE A 211 1.07 -21.54 4.73
C ILE A 211 2.47 -21.04 4.36
N THR A 212 3.01 -20.12 5.17
CA THR A 212 4.36 -19.64 4.93
C THR A 212 5.26 -19.87 6.15
N PHE A 213 6.47 -20.34 5.91
CA PHE A 213 7.45 -20.50 6.97
C PHE A 213 8.77 -19.82 6.59
N ASP A 214 8.96 -18.63 7.14
CA ASP A 214 10.16 -17.85 6.85
C ASP A 214 10.99 -17.67 8.11
N GLY A 215 12.23 -18.15 8.07
CA GLY A 215 13.08 -18.06 9.25
C GLY A 215 14.55 -17.92 8.90
N PHE A 216 15.37 -17.70 9.93
CA PHE A 216 16.81 -17.60 9.74
C PHE A 216 17.52 -18.60 10.64
N LEU A 217 18.84 -18.46 10.74
CA LEU A 217 19.63 -19.38 11.54
C LEU A 217 20.65 -18.64 12.39
N PRO A 218 20.77 -19.03 13.67
CA PRO A 218 21.71 -18.44 14.63
C PRO A 218 23.15 -18.48 14.11
N TYR A 219 23.85 -17.35 14.21
CA TYR A 219 25.21 -17.25 13.69
C TYR A 219 26.09 -16.39 14.59
N ASN A 220 27.38 -16.41 14.32
CA ASN A 220 28.34 -15.57 15.04
C ASN A 220 28.96 -14.54 14.11
N PRO A 221 29.14 -13.30 14.61
CA PRO A 221 29.70 -12.19 13.84
C PRO A 221 31.01 -12.55 13.13
N GLY A 222 30.97 -12.61 11.81
CA GLY A 222 32.12 -13.00 11.02
C GLY A 222 31.83 -14.26 10.23
N GLY A 223 30.80 -15.00 10.66
CA GLY A 223 30.40 -16.22 10.00
C GLY A 223 29.26 -15.98 9.03
N MET A 224 28.84 -17.05 8.34
CA MET A 224 27.79 -16.96 7.35
C MET A 224 26.40 -16.86 7.97
N GLN A 225 25.45 -16.29 7.25
CA GLN A 225 24.07 -16.19 7.72
C GLN A 225 23.14 -16.94 6.78
N PHE A 226 22.34 -17.85 7.34
CA PHE A 226 21.44 -18.67 6.53
C PHE A 226 19.98 -18.31 6.73
N THR A 227 19.25 -18.22 5.63
CA THR A 227 17.83 -17.89 5.66
C THR A 227 17.04 -18.91 4.86
N TYR A 228 15.74 -19.02 5.14
CA TYR A 228 14.88 -19.91 4.37
C TYR A 228 13.45 -19.39 4.33
N GLY A 229 12.84 -19.51 3.15
CA GLY A 229 11.45 -19.12 2.96
C GLY A 229 10.68 -20.19 2.24
N THR A 230 9.76 -20.83 2.95
CA THR A 230 8.91 -21.85 2.35
C THR A 230 7.47 -21.37 2.25
N GLU A 231 6.75 -21.86 1.26
CA GLU A 231 5.36 -21.46 1.05
C GLU A 231 4.56 -22.58 0.39
N PHE A 232 3.29 -22.69 0.75
CA PHE A 232 2.37 -23.59 0.08
C PHE A 232 1.01 -22.93 -0.03
N VAL A 233 0.55 -22.71 -1.26
CA VAL A 233 -0.74 -22.07 -1.47
C VAL A 233 -1.64 -22.87 -2.40
N ARG A 234 -2.90 -23.05 -2.01
CA ARG A 234 -3.88 -23.62 -2.92
C ARG A 234 -4.75 -22.49 -3.50
N PHE A 235 -4.44 -22.10 -4.73
CA PHE A 235 -5.24 -21.11 -5.43
C PHE A 235 -6.45 -21.76 -6.06
N ASP A 236 -7.64 -21.31 -5.64
CA ASP A 236 -8.88 -21.80 -6.22
C ASP A 236 -9.77 -20.62 -6.59
N ARG A 237 -10.71 -20.86 -7.50
CA ARG A 237 -11.59 -19.81 -7.97
C ARG A 237 -12.84 -20.39 -8.63
N ASP A 238 -14.00 -19.86 -8.25
CA ASP A 238 -15.26 -20.28 -8.85
C ASP A 238 -15.70 -19.29 -9.92
N LEU A 239 -15.26 -19.53 -11.15
CA LEU A 239 -15.60 -18.66 -12.28
C LEU A 239 -17.09 -18.65 -12.56
N ASP A 240 -17.64 -17.45 -12.71
CA ASP A 240 -19.04 -17.30 -13.11
C ASP A 240 -19.10 -16.68 -14.50
N GLU A 241 -19.07 -17.53 -15.52
CA GLU A 241 -19.07 -17.07 -16.90
C GLU A 241 -20.45 -17.22 -17.53
N ASN A 242 -21.47 -17.32 -16.68
CA ASN A 242 -22.84 -17.49 -17.15
C ASN A 242 -23.41 -16.20 -17.75
N ILE A 243 -23.88 -16.31 -18.99
CA ILE A 243 -24.46 -15.18 -19.71
C ILE A 243 -25.79 -14.75 -19.10
N TYR A 244 -26.02 -13.44 -19.04
CA TYR A 244 -27.26 -12.90 -18.48
C TYR A 244 -28.19 -12.40 -19.58
N PHE A 245 -29.48 -12.65 -19.40
CA PHE A 245 -30.46 -12.48 -20.48
C PHE A 245 -31.41 -11.32 -20.31
N ASN A 246 -32.23 -11.11 -21.35
CA ASN A 246 -33.34 -10.18 -21.31
C ASN A 246 -34.63 -10.90 -21.67
N ASP A 247 -35.61 -10.13 -22.14
CA ASP A 247 -36.88 -10.69 -22.56
C ASP A 247 -36.97 -10.72 -24.09
N ASP A 248 -36.64 -9.60 -24.72
CA ASP A 248 -36.66 -9.51 -26.18
C ASP A 248 -35.24 -9.33 -26.73
N GLY A 249 -34.40 -8.63 -25.96
CA GLY A 249 -33.03 -8.39 -26.36
C GLY A 249 -32.16 -9.62 -26.20
N SER A 250 -32.75 -10.69 -25.68
CA SER A 250 -32.02 -11.94 -25.40
C SER A 250 -30.83 -11.66 -24.50
N ILE A 251 -29.63 -11.86 -25.03
CA ILE A 251 -28.42 -11.54 -24.28
C ILE A 251 -28.16 -10.03 -24.35
N ARG A 252 -27.60 -9.48 -23.28
CA ARG A 252 -27.29 -8.06 -23.25
C ARG A 252 -25.86 -7.81 -22.79
N GLY A 253 -25.20 -8.88 -22.33
CA GLY A 253 -23.82 -8.79 -21.89
C GLY A 253 -23.42 -9.96 -21.01
N LYS A 254 -22.16 -10.38 -21.13
CA LYS A 254 -21.64 -11.47 -20.32
C LYS A 254 -20.55 -10.98 -19.38
N ARG A 255 -20.46 -11.60 -18.21
CA ARG A 255 -19.44 -11.29 -17.21
C ARG A 255 -18.04 -11.38 -17.79
N PRO A 256 -17.09 -10.61 -17.23
CA PRO A 256 -15.70 -10.58 -17.74
C PRO A 256 -14.97 -11.90 -17.59
N ASP A 257 -15.42 -12.76 -16.68
CA ASP A 257 -14.78 -14.05 -16.44
C ASP A 257 -14.77 -14.94 -17.67
N ALA A 258 -15.68 -14.67 -18.60
CA ALA A 258 -15.77 -15.46 -19.82
C ALA A 258 -14.76 -14.99 -20.88
N SER A 259 -13.89 -14.08 -20.48
CA SER A 259 -12.85 -13.59 -21.38
C SER A 259 -11.50 -14.22 -21.04
N LEU A 260 -11.47 -15.07 -20.02
CA LEU A 260 -10.25 -15.77 -19.62
C LEU A 260 -10.00 -16.98 -20.52
N GLN A 261 -8.77 -17.11 -21.00
CA GLN A 261 -8.44 -18.18 -21.93
C GLN A 261 -7.24 -19.00 -21.47
N GLY A 262 -7.41 -20.33 -21.50
CA GLY A 262 -6.32 -21.25 -21.22
C GLY A 262 -5.87 -21.26 -19.77
N LEU A 263 -4.57 -21.01 -19.58
CA LEU A 263 -3.97 -21.03 -18.25
C LEU A 263 -4.46 -19.88 -17.38
N ALA A 264 -5.21 -18.96 -17.98
CA ALA A 264 -5.85 -17.89 -17.22
C ALA A 264 -6.99 -18.45 -16.38
N ARG A 265 -7.49 -19.62 -16.76
CA ARG A 265 -8.58 -20.26 -16.05
C ARG A 265 -8.06 -21.34 -15.10
N ALA A 266 -6.74 -21.39 -14.95
CA ALA A 266 -6.09 -22.43 -14.16
C ALA A 266 -6.32 -22.26 -12.67
N THR A 267 -6.42 -23.38 -11.97
CA THR A 267 -6.41 -23.39 -10.51
C THR A 267 -5.36 -24.40 -10.06
N GLY A 268 -5.22 -24.58 -8.75
CA GLY A 268 -4.33 -25.60 -8.24
C GLY A 268 -3.39 -25.13 -7.15
N ASP A 269 -2.49 -26.02 -6.74
CA ASP A 269 -1.59 -25.75 -5.63
C ASP A 269 -0.17 -25.41 -6.11
N ARG A 270 0.57 -24.72 -5.25
CA ARG A 270 1.94 -24.32 -5.53
C ARG A 270 2.80 -24.41 -4.28
N MET A 271 3.96 -25.05 -4.41
CA MET A 271 4.93 -25.10 -3.32
C MET A 271 6.21 -24.37 -3.71
N HIS A 272 6.70 -23.54 -2.80
CA HIS A 272 7.94 -22.80 -3.02
C HIS A 272 8.93 -23.03 -1.89
N LEU A 273 10.14 -23.46 -2.24
CA LEU A 273 11.22 -23.59 -1.28
C LEU A 273 12.35 -22.66 -1.67
N GLU A 274 12.75 -21.79 -0.76
CA GLU A 274 13.78 -20.80 -1.06
C GLU A 274 14.81 -20.67 0.06
N PRO A 275 15.83 -21.56 0.04
CA PRO A 275 16.98 -21.42 0.94
C PRO A 275 17.97 -20.39 0.40
N GLY A 276 18.66 -19.70 1.30
CA GLY A 276 19.62 -18.69 0.90
C GLY A 276 20.71 -18.50 1.92
N MET A 277 21.86 -17.99 1.46
CA MET A 277 22.98 -17.71 2.34
C MET A 277 23.54 -16.33 2.03
N SER A 278 24.04 -15.65 3.05
CA SER A 278 24.55 -14.29 2.90
C SER A 278 25.74 -14.05 3.80
N LEU A 279 26.69 -13.24 3.34
CA LEU A 279 27.87 -12.92 4.16
C LEU A 279 28.20 -11.44 4.10
N PRO A 280 27.60 -10.65 5.00
CA PRO A 280 27.80 -9.20 5.01
C PRO A 280 29.11 -8.75 5.65
N MET A 281 30.06 -8.32 4.82
CA MET A 281 31.26 -7.66 5.32
C MET A 281 30.97 -6.17 5.48
N THR A 282 30.78 -5.74 6.72
CA THR A 282 30.42 -4.36 7.01
C THR A 282 31.58 -3.57 7.61
N ARG A 283 31.77 -2.35 7.12
CA ARG A 283 32.77 -1.44 7.66
C ARG A 283 32.13 -0.10 8.01
N SER A 284 32.88 0.76 8.67
CA SER A 284 32.37 2.07 9.08
C SER A 284 32.22 3.01 7.90
N TRP A 285 32.86 2.68 6.79
CA TRP A 285 32.87 3.54 5.61
C TRP A 285 32.13 2.91 4.44
N GLY A 286 31.96 1.60 4.48
CA GLY A 286 31.28 0.89 3.41
C GLY A 286 30.84 -0.51 3.79
N TYR A 287 30.20 -1.19 2.86
CA TYR A 287 29.75 -2.56 3.08
C TYR A 287 29.67 -3.35 1.78
N VAL A 288 30.04 -4.61 1.84
CA VAL A 288 29.89 -5.52 0.70
C VAL A 288 29.23 -6.82 1.17
N THR A 289 28.10 -7.15 0.56
CA THR A 289 27.32 -8.30 0.99
C THR A 289 26.96 -9.21 -0.18
N PRO A 290 27.67 -10.35 -0.30
CA PRO A 290 27.32 -11.42 -1.23
C PRO A 290 26.20 -12.30 -0.70
N THR A 291 25.29 -12.69 -1.59
CA THR A 291 24.15 -13.52 -1.24
C THR A 291 23.84 -14.52 -2.36
N LEU A 292 23.74 -15.80 -2.01
CA LEU A 292 23.38 -16.83 -2.96
C LEU A 292 22.13 -17.59 -2.50
N LYS A 293 21.09 -17.58 -3.31
CA LYS A 293 19.86 -18.27 -2.96
C LYS A 293 19.47 -19.27 -4.04
N TYR A 294 18.58 -20.20 -3.70
CA TYR A 294 18.06 -21.13 -4.70
C TYR A 294 16.55 -21.22 -4.59
N LEU A 295 15.87 -21.03 -5.71
CA LEU A 295 14.40 -21.03 -5.75
C LEU A 295 13.87 -22.29 -6.43
N TYR A 296 13.05 -23.04 -5.70
CA TYR A 296 12.44 -24.23 -6.25
C TYR A 296 10.94 -24.13 -6.13
N THR A 297 10.24 -24.12 -7.26
CA THR A 297 8.78 -24.01 -7.25
C THR A 297 8.13 -25.16 -8.02
N LYS A 298 7.09 -25.75 -7.45
CA LYS A 298 6.37 -26.84 -8.10
C LYS A 298 4.87 -26.61 -8.09
N TYR A 299 4.24 -26.88 -9.23
CA TYR A 299 2.81 -26.62 -9.44
C TYR A 299 2.01 -27.89 -9.66
N ASP A 300 0.92 -28.03 -8.90
CA ASP A 300 -0.07 -29.08 -9.13
C ASP A 300 -1.37 -28.43 -9.61
N LEU A 301 -1.53 -28.32 -10.92
CA LEU A 301 -2.59 -27.50 -11.50
C LEU A 301 -3.83 -28.29 -11.92
N ASP A 302 -4.92 -27.57 -12.17
CA ASP A 302 -6.16 -28.12 -12.72
C ASP A 302 -6.74 -27.10 -13.69
N LEU A 303 -7.21 -27.56 -14.85
CA LEU A 303 -7.54 -26.65 -15.94
C LEU A 303 -9.03 -26.58 -16.30
N ASP A 304 -9.87 -27.20 -15.48
CA ASP A 304 -11.33 -27.06 -15.56
C ASP A 304 -11.94 -27.44 -16.93
N SER A 305 -11.14 -28.16 -17.73
CA SER A 305 -11.56 -28.73 -19.02
C SER A 305 -11.76 -27.69 -20.12
N GLN A 306 -12.73 -26.79 -19.94
CA GLN A 306 -13.03 -25.77 -20.94
C GLN A 306 -11.77 -25.00 -21.34
N GLY A 307 -10.92 -24.73 -20.37
CA GLY A 307 -9.65 -24.10 -20.64
C GLY A 307 -8.71 -24.98 -21.44
N LYS A 308 -8.61 -26.26 -21.07
CA LYS A 308 -7.63 -27.14 -21.70
C LYS A 308 -8.17 -27.90 -22.91
N THR A 309 -9.41 -28.36 -22.84
CA THR A 309 -9.97 -29.15 -23.94
C THR A 309 -10.17 -28.30 -25.19
N ASP A 310 -10.62 -27.07 -25.00
CA ASP A 310 -10.91 -26.17 -26.11
C ASP A 310 -9.68 -25.38 -26.54
N LEU A 311 -9.37 -24.35 -25.78
CA LEU A 311 -8.35 -23.37 -26.12
C LEU A 311 -6.94 -23.96 -26.26
N ASN A 312 -6.51 -24.68 -25.24
CA ASN A 312 -5.18 -25.30 -25.26
C ASN A 312 -5.01 -26.20 -26.47
N LYS A 313 -5.85 -27.24 -26.57
CA LYS A 313 -5.83 -28.16 -27.71
C LYS A 313 -5.95 -27.41 -29.04
N ARG A 314 -6.62 -26.27 -29.01
CA ARG A 314 -6.71 -25.41 -30.19
C ARG A 314 -5.34 -24.83 -30.50
N ASP A 315 -4.50 -24.67 -29.49
CA ASP A 315 -3.15 -24.15 -29.72
C ASP A 315 -2.02 -25.09 -29.26
N GLU A 316 -1.92 -25.36 -27.96
CA GLU A 316 -0.81 -26.17 -27.46
C GLU A 316 -1.22 -27.28 -26.49
N SER A 317 -0.25 -27.81 -25.76
CA SER A 317 -0.51 -28.86 -24.78
C SER A 317 -0.58 -28.29 -23.36
N PHE A 318 -1.17 -29.07 -22.45
CA PHE A 318 -1.31 -28.65 -21.06
C PHE A 318 -0.59 -29.61 -20.12
N ASP A 319 0.15 -29.05 -19.17
CA ASP A 319 0.87 -29.85 -18.18
C ASP A 319 0.48 -29.42 -16.76
N SER A 320 -0.22 -30.29 -16.05
CA SER A 320 -0.67 -29.99 -14.69
C SER A 320 0.47 -30.08 -13.69
N ASN A 321 1.49 -30.85 -14.02
CA ASN A 321 2.66 -31.01 -13.17
C ASN A 321 3.77 -30.08 -13.65
N GLN A 322 3.95 -28.95 -12.96
CA GLN A 322 4.93 -27.97 -13.41
C GLN A 322 6.11 -27.84 -12.45
N ASP A 323 7.27 -27.46 -13.00
CA ASP A 323 8.52 -27.50 -12.24
C ASP A 323 9.46 -26.35 -12.62
N ARG A 324 10.03 -25.70 -11.62
CA ARG A 324 10.97 -24.61 -11.84
C ARG A 324 12.07 -24.58 -10.78
N SER A 325 13.32 -24.42 -11.22
CA SER A 325 14.45 -24.39 -10.30
C SER A 325 15.56 -23.45 -10.78
N LEU A 326 15.81 -22.39 -10.00
CA LEU A 326 16.77 -21.36 -10.40
C LEU A 326 17.77 -21.01 -9.31
N PRO A 327 19.03 -20.80 -9.69
CA PRO A 327 19.99 -20.18 -8.76
C PRO A 327 19.88 -18.67 -8.80
N LEU A 328 20.33 -18.00 -7.75
CA LEU A 328 20.26 -16.54 -7.68
C LEU A 328 21.49 -15.96 -7.00
N VAL A 329 22.16 -15.05 -7.69
CA VAL A 329 23.36 -14.41 -7.14
C VAL A 329 23.14 -12.90 -7.00
N LYS A 330 23.40 -12.37 -5.81
CA LYS A 330 23.20 -10.95 -5.55
C LYS A 330 24.35 -10.36 -4.75
N VAL A 331 25.07 -9.42 -5.35
CA VAL A 331 26.17 -8.75 -4.65
C VAL A 331 25.82 -7.30 -4.39
N ASP A 332 25.77 -6.92 -3.11
CA ASP A 332 25.34 -5.58 -2.72
C ASP A 332 26.46 -4.78 -2.06
N SER A 333 27.01 -3.81 -2.79
CA SER A 333 28.06 -2.95 -2.27
C SER A 333 27.55 -1.53 -2.02
N GLY A 334 28.23 -0.81 -1.12
CA GLY A 334 27.86 0.56 -0.82
C GLY A 334 28.92 1.30 -0.02
N LEU A 335 28.93 2.62 -0.16
CA LEU A 335 29.87 3.47 0.55
C LEU A 335 29.18 4.56 1.36
N TYR A 336 29.90 5.12 2.34
CA TYR A 336 29.36 6.15 3.20
C TYR A 336 30.25 7.37 3.28
N PHE A 337 29.72 8.52 2.86
CA PHE A 337 30.44 9.78 2.95
C PHE A 337 29.74 10.73 3.92
N ASP A 338 30.50 11.63 4.53
CA ASP A 338 29.93 12.61 5.45
C ASP A 338 30.33 14.04 5.08
N ARG A 339 29.64 15.00 5.68
CA ARG A 339 29.85 16.42 5.38
C ARG A 339 29.22 17.27 6.47
N ASP A 340 29.70 18.50 6.63
CA ASP A 340 29.14 19.41 7.62
C ASP A 340 28.70 20.72 6.96
N THR A 341 27.39 20.94 6.94
CA THR A 341 26.84 22.15 6.35
C THR A 341 26.07 22.96 7.38
N THR A 342 25.69 24.18 7.01
CA THR A 342 24.94 25.05 7.90
C THR A 342 23.96 25.92 7.10
N PHE A 343 22.70 25.52 7.09
CA PHE A 343 21.66 26.27 6.38
C PHE A 343 20.79 27.06 7.36
N ALA A 344 20.71 28.37 7.14
CA ALA A 344 19.91 29.27 7.97
C ALA A 344 20.27 29.14 9.46
N GLY A 345 21.56 29.00 9.74
CA GLY A 345 22.03 28.88 11.10
C GLY A 345 21.96 27.46 11.64
N THR A 346 21.08 26.66 11.05
CA THR A 346 20.89 25.28 11.47
C THR A 346 21.96 24.37 10.86
N PRO A 347 22.73 23.70 11.72
CA PRO A 347 23.78 22.76 11.27
C PRO A 347 23.21 21.44 10.79
N PHE A 348 23.56 21.06 9.57
CA PHE A 348 23.10 19.79 8.99
C PHE A 348 24.25 18.88 8.62
N ARG A 349 24.02 17.59 8.72
CA ARG A 349 24.98 16.59 8.24
C ARG A 349 24.51 16.04 6.90
N GLN A 350 25.22 16.40 5.84
CA GLN A 350 24.88 15.91 4.51
C GLN A 350 25.68 14.66 4.17
N THR A 351 25.04 13.50 4.29
CA THR A 351 25.70 12.25 3.97
C THR A 351 25.48 11.87 2.52
N LEU A 352 26.56 11.47 1.86
CA LEU A 352 26.51 10.97 0.49
C LEU A 352 26.66 9.46 0.50
N GLU A 353 25.68 8.77 -0.07
CA GLU A 353 25.65 7.31 0.00
C GLU A 353 25.50 6.64 -1.37
N PRO A 354 26.63 6.34 -2.02
CA PRO A 354 26.63 5.60 -3.29
C PRO A 354 26.43 4.10 -3.07
N ARG A 355 25.61 3.49 -3.93
CA ARG A 355 25.27 2.09 -3.78
C ARG A 355 25.26 1.36 -5.12
N ALA A 356 25.86 0.18 -5.16
CA ALA A 356 25.91 -0.63 -6.36
C ALA A 356 25.41 -2.04 -6.05
N MET A 357 24.81 -2.69 -7.04
CA MET A 357 24.28 -4.03 -6.83
C MET A 357 24.21 -4.87 -8.11
N TYR A 358 24.94 -5.98 -8.11
CA TYR A 358 24.90 -6.91 -9.24
C TYR A 358 23.91 -8.03 -8.98
N LEU A 359 23.09 -8.34 -9.99
CA LEU A 359 22.08 -9.38 -9.85
C LEU A 359 22.13 -10.37 -11.03
N TYR A 360 22.30 -11.65 -10.72
CA TYR A 360 22.31 -12.68 -11.75
C TYR A 360 21.29 -13.78 -11.48
N VAL A 361 20.41 -13.97 -12.45
CA VAL A 361 19.46 -15.07 -12.48
C VAL A 361 19.35 -15.60 -13.91
N PRO A 362 19.68 -16.89 -14.11
CA PRO A 362 19.62 -17.49 -15.44
C PRO A 362 18.18 -17.58 -15.96
N TYR A 363 18.03 -17.64 -17.28
CA TYR A 363 16.71 -17.63 -17.89
C TYR A 363 16.08 -19.00 -17.98
N LYS A 364 14.80 -19.07 -17.62
CA LYS A 364 14.00 -20.28 -17.78
C LYS A 364 12.63 -19.90 -18.34
N ASP A 365 12.16 -20.66 -19.31
CA ASP A 365 10.85 -20.41 -19.92
C ASP A 365 9.75 -20.65 -18.89
N GLN A 366 9.03 -19.59 -18.54
CA GLN A 366 7.97 -19.68 -17.53
C GLN A 366 6.61 -19.36 -18.11
N ASP A 367 6.50 -19.41 -19.44
CA ASP A 367 5.25 -19.09 -20.12
C ASP A 367 4.21 -20.19 -19.92
N SER A 368 4.67 -21.38 -19.55
CA SER A 368 3.78 -22.50 -19.32
C SER A 368 3.12 -22.42 -17.95
N LEU A 369 3.53 -21.44 -17.17
CA LEU A 369 3.00 -21.23 -15.82
C LEU A 369 1.89 -20.20 -15.80
N PRO A 370 0.90 -20.38 -14.92
CA PRO A 370 -0.18 -19.42 -14.74
C PRO A 370 0.20 -18.35 -13.72
N VAL A 371 -0.49 -17.21 -13.75
CA VAL A 371 -0.25 -16.15 -12.79
C VAL A 371 -1.34 -16.11 -11.73
N PHE A 372 -0.93 -16.26 -10.46
CA PHE A 372 -1.87 -16.23 -9.36
C PHE A 372 -1.65 -15.02 -8.47
N ASP A 373 -0.42 -14.86 -7.98
CA ASP A 373 -0.10 -13.78 -7.05
C ASP A 373 0.98 -12.84 -7.59
N THR A 374 1.23 -12.91 -8.89
CA THR A 374 2.32 -12.16 -9.50
C THR A 374 1.86 -10.88 -10.19
N SER A 375 2.50 -9.79 -9.85
CA SER A 375 2.28 -8.50 -10.50
C SER A 375 3.63 -7.86 -10.81
N GLU A 376 3.66 -6.98 -11.81
CA GLU A 376 4.90 -6.30 -12.17
C GLU A 376 4.79 -4.80 -11.91
N PRO A 377 5.37 -4.33 -10.79
CA PRO A 377 5.31 -2.93 -10.39
C PRO A 377 6.07 -2.01 -11.36
N SER A 378 5.57 -0.79 -11.52
CA SER A 378 6.20 0.18 -12.40
C SER A 378 7.56 0.61 -11.86
N PHE A 379 8.36 1.22 -12.73
CA PHE A 379 9.74 1.55 -12.39
C PHE A 379 9.83 2.67 -11.35
N SER A 380 10.78 2.52 -10.43
CA SER A 380 11.07 3.52 -9.41
C SER A 380 12.50 3.37 -8.93
N TYR A 381 12.85 4.05 -7.84
CA TYR A 381 14.21 3.97 -7.32
C TYR A 381 14.43 2.69 -6.52
N ASP A 382 13.36 2.21 -5.88
CA ASP A 382 13.43 0.99 -5.09
C ASP A 382 13.64 -0.21 -5.99
N SER A 383 13.14 -0.12 -7.23
CA SER A 383 13.25 -1.18 -8.23
C SER A 383 14.68 -1.65 -8.44
N LEU A 384 15.64 -0.77 -8.14
CA LEU A 384 17.05 -1.05 -8.34
C LEU A 384 17.59 -2.09 -7.36
N TRP A 385 16.91 -2.28 -6.23
CA TRP A 385 17.44 -3.12 -5.17
C TRP A 385 16.53 -4.30 -4.84
N ARG A 386 15.87 -4.84 -5.85
CA ARG A 386 15.00 -5.99 -5.66
C ARG A 386 15.52 -7.22 -6.40
N GLU A 387 15.41 -8.37 -5.75
CA GLU A 387 15.90 -9.62 -6.30
C GLU A 387 15.09 -10.06 -7.51
N ASN A 388 13.85 -9.59 -7.59
CA ASN A 388 12.96 -9.93 -8.69
C ASN A 388 12.09 -8.73 -9.08
N ARG A 389 12.00 -8.47 -10.38
CA ARG A 389 11.21 -7.34 -10.88
C ARG A 389 9.72 -7.66 -10.83
N PHE A 390 9.39 -8.87 -10.39
CA PHE A 390 8.01 -9.29 -10.23
C PHE A 390 7.68 -9.50 -8.76
N THR A 391 6.38 -9.51 -8.45
CA THR A 391 5.92 -9.89 -7.12
C THR A 391 5.39 -11.32 -7.20
N GLY A 392 5.03 -11.90 -6.06
CA GLY A 392 4.56 -13.27 -6.02
C GLY A 392 5.66 -14.22 -6.45
N LYS A 393 5.29 -15.47 -6.75
CA LYS A 393 6.28 -16.47 -7.11
C LYS A 393 6.01 -17.11 -8.48
N ASP A 394 5.05 -16.56 -9.22
CA ASP A 394 4.68 -17.13 -10.51
C ASP A 394 5.65 -16.73 -11.62
N ARG A 395 6.38 -15.64 -11.40
CA ARG A 395 7.36 -15.19 -12.38
C ARG A 395 8.67 -14.75 -11.71
N ILE A 396 9.76 -15.42 -12.07
CA ILE A 396 11.08 -15.04 -11.58
C ILE A 396 11.87 -14.40 -12.71
N GLY A 397 12.16 -13.11 -12.57
CA GLY A 397 12.78 -12.35 -13.63
C GLY A 397 14.19 -12.77 -13.99
N ASP A 398 14.40 -13.06 -15.27
CA ASP A 398 15.73 -13.35 -15.79
C ASP A 398 16.63 -12.13 -15.65
N ALA A 399 17.72 -12.27 -14.91
CA ALA A 399 18.54 -11.11 -14.55
C ALA A 399 20.03 -11.27 -14.88
N ASN A 400 20.63 -10.14 -15.23
CA ASN A 400 22.08 -9.99 -15.34
C ASN A 400 22.37 -8.50 -15.35
N GLN A 401 22.17 -7.87 -14.18
CA GLN A 401 22.13 -6.41 -14.09
C GLN A 401 23.20 -5.82 -13.16
N LEU A 402 23.59 -4.59 -13.46
CA LEU A 402 24.40 -3.77 -12.58
C LEU A 402 23.64 -2.50 -12.22
N SER A 403 23.06 -2.47 -11.02
CA SER A 403 22.29 -1.32 -10.58
C SER A 403 23.16 -0.30 -9.84
N LEU A 404 23.21 0.91 -10.37
CA LEU A 404 23.99 1.99 -9.78
C LEU A 404 23.09 3.10 -9.28
N GLY A 405 23.32 3.53 -8.03
CA GLY A 405 22.52 4.57 -7.44
C GLY A 405 23.27 5.39 -6.41
N VAL A 406 22.64 6.46 -5.94
CA VAL A 406 23.24 7.33 -4.94
C VAL A 406 22.14 8.02 -4.14
N THR A 407 22.42 8.30 -2.87
CA THR A 407 21.45 8.95 -2.00
C THR A 407 22.12 9.93 -1.04
N SER A 408 21.81 11.21 -1.22
CA SER A 408 22.32 12.24 -0.33
C SER A 408 21.23 12.70 0.63
N ARG A 409 21.48 12.57 1.93
CA ARG A 409 20.47 12.95 2.91
C ARG A 409 21.00 13.93 3.97
N PHE A 410 20.11 14.81 4.43
CA PHE A 410 20.45 15.84 5.39
C PHE A 410 19.87 15.54 6.77
N ILE A 411 20.74 15.32 7.74
CA ILE A 411 20.30 14.98 9.09
C ILE A 411 20.71 16.05 10.11
N GLU A 412 19.74 16.60 10.82
CA GLU A 412 20.03 17.50 11.92
C GLU A 412 20.37 16.69 13.18
N GLU A 413 21.32 17.24 13.95
CA GLU A 413 22.04 16.49 14.99
C GLU A 413 21.21 15.90 16.12
N ASN A 414 19.90 16.14 16.11
CA ASN A 414 19.01 15.42 17.01
C ASN A 414 18.67 14.06 16.39
N GLY A 415 19.30 13.79 15.24
CA GLY A 415 19.11 12.54 14.54
C GLY A 415 17.97 12.59 13.55
N PHE A 416 17.46 13.79 13.27
CA PHE A 416 16.26 13.91 12.45
C PHE A 416 16.59 14.09 10.97
N GLU A 417 15.93 13.30 10.13
CA GLU A 417 16.11 13.39 8.68
C GLU A 417 15.21 14.47 8.11
N ARG A 418 15.80 15.52 7.55
CA ARG A 418 15.02 16.64 7.05
C ARG A 418 14.86 16.60 5.53
N ALA A 419 15.85 16.07 4.83
CA ALA A 419 15.79 16.00 3.37
C ALA A 419 16.45 14.74 2.84
N SER A 420 16.06 14.34 1.63
CA SER A 420 16.60 13.15 1.00
C SER A 420 16.49 13.21 -0.53
N ILE A 421 17.60 12.95 -1.20
CA ILE A 421 17.62 12.91 -2.67
C ILE A 421 18.23 11.59 -3.16
N SER A 422 17.51 10.89 -4.03
CA SER A 422 18.00 9.62 -4.57
C SER A 422 17.96 9.59 -6.09
N ALA A 423 19.04 9.13 -6.71
CA ALA A 423 19.10 9.03 -8.16
C ALA A 423 19.76 7.73 -8.58
N GLY A 424 19.18 7.04 -9.54
CA GLY A 424 19.72 5.75 -9.97
C GLY A 424 19.34 5.31 -11.36
N GLN A 425 19.99 4.24 -11.81
CA GLN A 425 19.71 3.65 -13.11
C GLN A 425 20.25 2.21 -13.14
N ILE A 426 19.57 1.34 -13.87
CA ILE A 426 20.03 -0.04 -14.02
C ILE A 426 20.64 -0.26 -15.39
N TYR A 427 21.76 -0.97 -15.42
CA TYR A 427 22.43 -1.29 -16.68
C TYR A 427 22.30 -2.77 -17.01
N TYR A 428 21.67 -3.06 -18.14
CA TYR A 428 21.35 -4.42 -18.53
C TYR A 428 22.40 -5.02 -19.45
N PHE A 429 22.87 -6.21 -19.10
CA PHE A 429 23.87 -6.92 -19.88
C PHE A 429 23.19 -7.94 -20.76
N ARG A 430 21.97 -8.30 -20.38
CA ARG A 430 21.14 -9.19 -21.18
C ARG A 430 19.76 -8.54 -21.36
N ASP A 431 18.87 -9.24 -22.05
CA ASP A 431 17.52 -8.73 -22.23
C ASP A 431 16.59 -9.28 -21.15
N ARG A 432 15.34 -8.81 -21.16
CA ARG A 432 14.34 -9.27 -20.21
C ARG A 432 13.27 -10.08 -20.94
N ARG A 433 13.45 -11.40 -20.94
CA ARG A 433 12.63 -12.30 -21.72
C ARG A 433 11.40 -12.78 -20.96
N VAL A 434 11.52 -12.90 -19.64
CA VAL A 434 10.40 -13.34 -18.82
C VAL A 434 9.41 -12.20 -18.61
N GLN A 435 8.22 -12.34 -19.19
CA GLN A 435 7.20 -11.30 -19.09
C GLN A 435 5.85 -11.89 -18.67
N LEU A 436 4.94 -11.03 -18.23
CA LEU A 436 3.59 -11.42 -17.88
C LEU A 436 2.83 -11.91 -19.10
N PRO A 437 1.78 -12.73 -18.88
CA PRO A 437 0.95 -13.19 -20.01
C PRO A 437 0.35 -12.03 -20.80
N GLY A 438 0.74 -11.91 -22.07
CA GLY A 438 0.24 -10.85 -22.92
C GLY A 438 1.27 -9.76 -23.13
N LEU A 439 2.34 -9.79 -22.36
CA LEU A 439 3.40 -8.79 -22.45
C LEU A 439 4.69 -9.37 -23.00
N THR A 440 4.79 -10.70 -23.01
CA THR A 440 5.89 -11.36 -23.69
C THR A 440 5.63 -11.34 -25.20
N GLU A 441 6.28 -12.21 -25.95
CA GLU A 441 6.11 -12.21 -27.40
C GLU A 441 4.77 -12.83 -27.81
N LYS A 442 3.80 -12.81 -26.89
CA LYS A 442 2.42 -13.10 -27.22
C LYS A 442 1.82 -11.93 -27.99
N ASP A 443 2.26 -10.73 -27.63
CA ASP A 443 1.76 -9.50 -28.26
C ASP A 443 2.16 -9.43 -29.73
N LEU A 444 3.30 -10.00 -30.05
CA LEU A 444 3.79 -10.04 -31.42
C LEU A 444 2.86 -10.87 -32.30
N LYS A 445 2.41 -12.01 -31.78
CA LYS A 445 1.58 -12.92 -32.55
C LYS A 445 0.09 -12.73 -32.29
N ARG A 446 -0.39 -13.27 -31.16
CA ARG A 446 -1.82 -13.35 -30.91
C ARG A 446 -2.45 -12.05 -30.41
N LEU A 447 -1.76 -10.94 -30.63
CA LEU A 447 -2.28 -9.63 -30.23
C LEU A 447 -1.86 -8.53 -31.21
N ASN A 448 -0.93 -8.86 -32.10
CA ASN A 448 -0.37 -7.95 -33.09
C ASN A 448 -0.18 -6.50 -32.62
N LEU A 449 0.23 -6.35 -31.36
CA LEU A 449 0.38 -5.02 -30.77
C LEU A 449 1.82 -4.69 -30.38
N ASP A 450 2.13 -3.40 -30.42
CA ASP A 450 3.42 -2.90 -29.94
C ASP A 450 3.22 -1.51 -29.33
N PRO A 451 2.89 -1.47 -28.03
CA PRO A 451 2.61 -0.22 -27.31
C PRO A 451 3.83 0.70 -27.24
N SER A 452 3.59 2.00 -27.24
CA SER A 452 4.68 2.98 -27.20
C SER A 452 5.29 3.08 -25.81
N GLY A 453 6.61 3.08 -25.75
CA GLY A 453 7.33 3.22 -24.49
C GLY A 453 7.72 1.90 -23.87
N LEU A 454 7.48 0.80 -24.59
CA LEU A 454 7.83 -0.52 -24.09
C LEU A 454 9.09 -1.06 -24.76
N ASP A 455 10.20 -1.06 -24.02
CA ASP A 455 11.44 -1.63 -24.50
C ASP A 455 12.02 -2.58 -23.45
N ASN A 456 12.08 -3.86 -23.80
CA ASN A 456 12.65 -4.87 -22.92
C ASN A 456 13.97 -5.38 -23.47
N ASP A 457 14.42 -4.78 -24.56
CA ASP A 457 15.63 -5.23 -25.25
C ASP A 457 16.73 -4.17 -25.18
N SER A 458 16.42 -3.01 -24.62
CA SER A 458 17.40 -1.94 -24.50
C SER A 458 18.48 -2.30 -23.48
N TRP A 459 19.55 -1.52 -23.46
CA TRP A 459 20.72 -1.84 -22.66
C TRP A 459 20.73 -1.10 -21.32
N ARG A 460 19.69 -0.33 -21.06
CA ARG A 460 19.63 0.45 -19.83
C ARG A 460 18.19 0.74 -19.40
N SER A 461 18.02 1.03 -18.12
CA SER A 461 16.72 1.36 -17.55
C SER A 461 16.48 2.86 -17.58
N PRO A 462 15.23 3.30 -17.33
CA PRO A 462 15.01 4.74 -17.16
C PRO A 462 15.76 5.31 -15.96
N TYR A 463 16.02 6.60 -15.97
CA TYR A 463 16.60 7.27 -14.81
C TYR A 463 15.54 7.43 -13.74
N ALA A 464 15.89 7.09 -12.50
CA ALA A 464 14.95 7.16 -11.39
C ALA A 464 15.38 8.19 -10.37
N PHE A 465 14.49 9.15 -10.11
CA PHE A 465 14.73 10.21 -9.14
C PHE A 465 13.65 10.21 -8.07
N ALA A 466 14.08 10.25 -6.80
CA ALA A 466 13.16 10.30 -5.67
C ALA A 466 13.61 11.37 -4.69
N GLY A 467 12.86 12.45 -4.58
CA GLY A 467 13.20 13.54 -3.69
C GLY A 467 12.18 13.76 -2.59
N GLN A 468 12.65 14.26 -1.45
CA GLN A 468 11.79 14.50 -0.31
C GLN A 468 12.33 15.61 0.58
N TYR A 469 11.50 16.60 0.87
CA TYR A 469 11.87 17.69 1.76
C TYR A 469 10.79 17.84 2.84
N ARG A 470 11.21 17.75 4.09
CA ARG A 470 10.29 17.70 5.22
C ARG A 470 10.50 18.86 6.20
N PHE A 471 9.54 19.02 7.11
CA PHE A 471 9.62 19.99 8.19
C PHE A 471 8.53 19.66 9.21
N ASN A 472 8.85 19.77 10.50
CA ASN A 472 7.94 19.29 11.53
C ASN A 472 6.64 20.08 11.63
N ARG A 473 6.67 21.39 11.41
CA ARG A 473 5.42 22.15 11.39
C ARG A 473 4.67 21.90 10.08
N ASP A 474 4.55 20.61 9.75
CA ASP A 474 3.83 20.07 8.61
C ASP A 474 4.05 20.79 7.28
N TRP A 475 5.30 21.12 6.97
CA TRP A 475 5.75 21.35 5.60
C TRP A 475 6.21 20.01 5.05
N ARG A 476 5.80 19.69 3.83
CA ARG A 476 6.15 18.40 3.26
C ARG A 476 5.99 18.40 1.75
N ILE A 477 7.12 18.42 1.04
CA ILE A 477 7.07 18.28 -0.41
C ILE A 477 7.78 16.98 -0.82
N ASN A 478 7.06 16.17 -1.59
CA ASN A 478 7.56 14.88 -2.04
C ASN A 478 7.51 14.74 -3.55
N SER A 479 8.63 14.41 -4.18
CA SER A 479 8.68 14.30 -5.63
C SER A 479 9.25 12.96 -6.12
N ASP A 480 8.78 12.52 -7.27
CA ASP A 480 9.23 11.28 -7.89
C ASP A 480 9.17 11.40 -9.41
N PHE A 481 10.24 10.98 -10.08
CA PHE A 481 10.32 11.13 -11.54
C PHE A 481 11.11 10.00 -12.20
N ASN A 482 10.57 9.45 -13.27
CA ASN A 482 11.25 8.36 -13.98
C ASN A 482 11.27 8.61 -15.48
N TRP A 483 12.47 8.75 -16.03
CA TRP A 483 12.61 9.16 -17.43
C TRP A 483 13.36 8.14 -18.29
N ASN A 484 12.65 7.56 -19.26
CA ASN A 484 13.26 6.61 -20.18
C ASN A 484 13.95 7.33 -21.34
N PRO A 485 15.28 7.16 -21.43
CA PRO A 485 16.12 7.81 -22.45
C PRO A 485 16.07 7.13 -23.81
N ASN A 486 15.71 5.85 -23.84
CA ASN A 486 15.61 5.10 -25.08
C ASN A 486 14.44 5.58 -25.92
N THR A 487 13.25 5.57 -25.33
CA THR A 487 12.05 6.04 -26.01
C THR A 487 11.92 7.55 -25.86
N SER A 488 12.80 8.14 -25.07
CA SER A 488 12.78 9.58 -24.78
C SER A 488 11.44 10.01 -24.21
N ARG A 489 10.91 9.22 -23.28
CA ARG A 489 9.59 9.48 -22.73
C ARG A 489 9.57 9.39 -21.20
N THR A 490 8.72 10.19 -20.58
CA THR A 490 8.50 10.11 -19.15
C THR A 490 7.58 8.94 -18.82
N GLU A 491 8.05 8.05 -17.95
CA GLU A 491 7.26 6.88 -17.56
C GLU A 491 6.37 7.21 -16.37
N SER A 492 6.96 7.78 -15.33
CA SER A 492 6.22 8.12 -14.12
C SER A 492 6.67 9.46 -13.55
N GLY A 493 5.72 10.24 -13.06
CA GLY A 493 6.02 11.52 -12.45
C GLY A 493 5.17 11.76 -11.21
N SER A 494 5.71 12.52 -10.26
CA SER A 494 5.01 12.81 -9.02
C SER A 494 5.56 14.06 -8.34
N ALA A 495 4.66 14.92 -7.88
CA ALA A 495 5.04 16.12 -7.14
C ALA A 495 3.95 16.45 -6.13
N ILE A 496 4.17 16.06 -4.88
CA ILE A 496 3.19 16.25 -3.82
C ILE A 496 3.67 17.29 -2.82
N PHE A 497 2.78 18.21 -2.45
CA PHE A 497 3.14 19.30 -1.55
C PHE A 497 2.08 19.53 -0.48
N HIS A 498 2.51 19.50 0.78
CA HIS A 498 1.62 19.71 1.91
C HIS A 498 2.09 20.90 2.74
N TYR A 499 1.26 21.94 2.78
CA TYR A 499 1.63 23.18 3.45
C TYR A 499 0.84 23.45 4.72
N GLN A 500 1.58 23.70 5.79
CA GLN A 500 1.01 24.15 7.06
C GLN A 500 1.91 25.21 7.68
N PRO A 501 1.35 26.07 8.55
CA PRO A 501 2.15 27.12 9.17
C PRO A 501 2.65 26.77 10.57
N GLU A 502 2.78 27.79 11.41
CA GLU A 502 3.30 27.63 12.76
C GLU A 502 2.23 27.08 13.69
N VAL A 503 2.17 25.75 13.76
CA VAL A 503 1.23 24.99 14.60
C VAL A 503 -0.21 25.54 14.56
N ASP A 504 -0.56 26.13 13.42
CA ASP A 504 -1.89 26.68 13.21
C ASP A 504 -2.69 25.77 12.28
N PRO A 505 -3.59 24.95 12.85
CA PRO A 505 -4.35 23.95 12.10
C PRO A 505 -5.41 24.55 11.17
N GLY A 506 -5.46 25.87 11.07
CA GLY A 506 -6.42 26.53 10.22
C GLY A 506 -5.96 26.66 8.78
N LYS A 507 -4.65 26.86 8.59
CA LYS A 507 -4.10 27.05 7.26
C LYS A 507 -3.50 25.76 6.71
N VAL A 508 -4.17 25.14 5.73
CA VAL A 508 -3.57 24.00 5.05
C VAL A 508 -3.68 24.16 3.54
N VAL A 509 -2.61 23.82 2.84
CA VAL A 509 -2.58 23.94 1.37
C VAL A 509 -1.91 22.72 0.71
N ASN A 510 -2.72 21.89 0.06
CA ASN A 510 -2.19 20.71 -0.62
C ASN A 510 -2.20 20.86 -2.14
N VAL A 511 -1.04 20.66 -2.75
CA VAL A 511 -0.91 20.72 -4.21
C VAL A 511 -0.20 19.49 -4.75
N GLY A 512 -0.91 18.71 -5.58
CA GLY A 512 -0.34 17.48 -6.11
C GLY A 512 -0.45 17.33 -7.61
N TYR A 513 0.63 16.84 -8.23
CA TYR A 513 0.62 16.51 -9.65
C TYR A 513 1.12 15.09 -9.86
N ARG A 514 0.36 14.29 -10.60
CA ARG A 514 0.74 12.90 -10.81
C ARG A 514 0.67 12.47 -12.27
N TYR A 515 1.66 11.68 -12.68
CA TYR A 515 1.74 11.16 -14.05
C TYR A 515 2.16 9.69 -14.04
N ARG A 516 1.60 8.91 -14.96
CA ARG A 516 1.80 7.48 -15.02
C ARG A 516 1.40 6.96 -16.40
N ALA A 517 2.35 6.37 -17.12
CA ALA A 517 2.08 5.86 -18.46
C ALA A 517 2.74 4.50 -18.68
N ASP A 518 3.31 3.92 -17.62
CA ASP A 518 3.95 2.62 -17.72
C ASP A 518 3.26 1.58 -16.85
N ALA A 519 1.95 1.74 -16.68
CA ALA A 519 1.17 0.82 -15.84
C ALA A 519 0.89 -0.49 -16.55
N ARG A 520 1.21 -1.60 -15.89
CA ARG A 520 0.95 -2.92 -16.42
C ARG A 520 -0.23 -3.56 -15.70
N ARG A 521 -1.40 -3.55 -16.33
CA ARG A 521 -2.61 -4.06 -15.67
C ARG A 521 -3.30 -5.15 -16.48
N PHE A 522 -4.01 -6.01 -15.79
CA PHE A 522 -4.75 -7.09 -16.44
C PHE A 522 -5.95 -6.52 -17.20
N ASP A 523 -6.05 -6.87 -18.48
CA ASP A 523 -7.13 -6.38 -19.32
C ASP A 523 -8.33 -7.32 -19.26
N SER A 524 -9.47 -6.80 -18.79
CA SER A 524 -10.68 -7.59 -18.67
C SER A 524 -11.20 -8.05 -20.02
N SER A 525 -11.07 -7.19 -21.02
CA SER A 525 -11.63 -7.45 -22.34
C SER A 525 -10.71 -8.28 -23.23
N ARG A 526 -9.51 -8.57 -22.73
CA ARG A 526 -8.52 -9.31 -23.53
C ARG A 526 -8.00 -10.55 -22.82
N GLY A 527 -8.28 -10.65 -21.52
CA GLY A 527 -7.94 -11.85 -20.76
C GLY A 527 -6.46 -12.01 -20.50
N THR A 528 -5.67 -11.00 -20.84
CA THR A 528 -4.23 -11.02 -20.59
C THR A 528 -3.79 -9.68 -20.02
N PHE A 529 -2.49 -9.54 -19.77
CA PHE A 529 -1.95 -8.30 -19.24
C PHE A 529 -1.68 -7.29 -20.35
N ARG A 530 -1.63 -6.02 -19.98
CA ARG A 530 -1.51 -4.93 -20.94
C ARG A 530 -0.65 -3.80 -20.38
N TYR A 531 0.19 -3.23 -21.23
CA TYR A 531 1.09 -2.15 -20.84
C TYR A 531 0.57 -0.79 -21.31
N GLY A 532 0.48 0.14 -20.38
CA GLY A 532 0.09 1.51 -20.69
C GLY A 532 -1.25 1.63 -21.38
N ASN A 533 -2.31 1.25 -20.67
CA ASN A 533 -3.66 1.38 -21.20
C ASN A 533 -3.97 2.83 -21.49
N GLU A 534 -4.29 3.12 -22.75
CA GLU A 534 -4.61 4.47 -23.19
C GLU A 534 -5.75 5.09 -22.38
N ASN A 535 -6.66 4.24 -21.92
CA ASN A 535 -7.82 4.68 -21.16
C ASN A 535 -7.50 5.02 -19.72
N ASP A 536 -6.46 4.38 -19.18
CA ASP A 536 -6.16 4.51 -17.76
C ASP A 536 -4.84 5.23 -17.49
N ILE A 537 -4.30 5.90 -18.50
CA ILE A 537 -3.08 6.69 -18.32
C ILE A 537 -3.35 7.85 -17.36
N ILE A 538 -2.51 7.97 -16.34
CA ILE A 538 -2.72 8.99 -15.32
C ILE A 538 -1.96 10.28 -15.63
N LYS A 539 -2.68 11.40 -15.67
CA LYS A 539 -2.06 12.71 -15.57
C LYS A 539 -3.06 13.65 -14.90
N GLN A 540 -2.98 13.69 -13.56
CA GLN A 540 -4.01 14.35 -12.77
C GLN A 540 -3.43 15.34 -11.79
N HIS A 541 -4.22 16.34 -11.41
CA HIS A 541 -3.80 17.24 -10.34
C HIS A 541 -4.83 17.25 -9.22
N ASP A 542 -4.35 17.41 -8.00
CA ASP A 542 -5.21 17.46 -6.82
C ASP A 542 -4.88 18.68 -5.97
N PHE A 543 -5.82 19.63 -5.92
CA PHE A 543 -5.66 20.82 -5.10
C PHE A 543 -6.56 20.74 -3.89
N SER A 544 -6.11 21.31 -2.77
CA SER A 544 -6.90 21.34 -1.54
C SER A 544 -6.48 22.53 -0.70
N VAL A 545 -7.43 23.11 0.03
CA VAL A 545 -7.10 24.27 0.86
C VAL A 545 -8.13 24.54 1.96
N ILE A 546 -7.62 24.83 3.15
CA ILE A 546 -8.43 25.41 4.21
C ILE A 546 -7.74 26.69 4.67
N TRP A 547 -8.44 27.81 4.60
CA TRP A 547 -7.80 29.08 4.90
C TRP A 547 -8.70 30.08 5.62
N PRO A 548 -8.16 30.74 6.66
CA PRO A 548 -8.91 31.74 7.43
C PRO A 548 -9.18 33.02 6.64
N LEU A 549 -10.46 33.38 6.51
CA LEU A 549 -10.84 34.63 5.87
C LEU A 549 -10.85 35.75 6.91
N VAL A 550 -11.91 35.79 7.70
CA VAL A 550 -11.99 36.64 8.87
C VAL A 550 -12.30 35.74 10.06
N PRO A 551 -11.94 36.18 11.28
CA PRO A 551 -12.20 35.45 12.53
C PRO A 551 -13.53 34.69 12.55
N GLN A 552 -13.49 33.47 13.08
CA GLN A 552 -14.64 32.57 13.15
C GLN A 552 -15.10 32.07 11.78
N TRP A 553 -14.41 32.48 10.72
CA TRP A 553 -14.77 32.05 9.37
C TRP A 553 -13.56 31.50 8.62
N SER A 554 -13.79 30.46 7.82
CA SER A 554 -12.73 29.83 7.05
C SER A 554 -13.28 29.21 5.77
N VAL A 555 -12.47 29.18 4.73
CA VAL A 555 -12.85 28.61 3.44
C VAL A 555 -12.25 27.21 3.26
N LEU A 556 -13.06 26.29 2.75
CA LEU A 556 -12.65 24.93 2.44
C LEU A 556 -12.84 24.65 0.96
N ALA A 557 -11.85 24.06 0.31
CA ALA A 557 -11.95 23.78 -1.12
C ALA A 557 -11.05 22.62 -1.56
N ARG A 558 -11.42 22.01 -2.67
CA ARG A 558 -10.64 20.92 -3.27
C ARG A 558 -11.02 20.73 -4.74
N TRP A 559 -10.03 20.41 -5.56
CA TRP A 559 -10.26 20.20 -6.98
C TRP A 559 -9.35 19.13 -7.57
N GLN A 560 -9.93 18.00 -7.96
CA GLN A 560 -9.19 16.95 -8.66
C GLN A 560 -9.53 16.96 -10.14
N TYR A 561 -8.52 16.92 -10.99
CA TYR A 561 -8.75 17.03 -12.42
C TYR A 561 -7.84 16.11 -13.23
N ASP A 562 -8.45 15.37 -14.15
CA ASP A 562 -7.74 14.48 -15.06
C ASP A 562 -7.54 15.13 -16.41
N TYR A 563 -6.29 15.37 -16.77
CA TYR A 563 -5.96 16.02 -18.04
C TYR A 563 -6.10 15.05 -19.21
N ASN A 564 -6.15 13.75 -18.92
CA ASN A 564 -6.26 12.73 -19.94
C ASN A 564 -7.66 12.74 -20.57
N LYS A 565 -8.68 12.81 -19.72
CA LYS A 565 -10.06 12.93 -20.18
C LYS A 565 -10.48 14.38 -20.30
N ASN A 566 -9.60 15.27 -19.84
CA ASN A 566 -9.95 16.68 -19.65
C ASN A 566 -11.24 16.79 -18.86
N ARG A 567 -11.28 16.08 -17.74
CA ARG A 567 -12.50 15.92 -16.95
C ARG A 567 -12.23 16.11 -15.45
N THR A 568 -13.12 16.81 -14.77
CA THR A 568 -12.98 17.04 -13.33
C THR A 568 -13.55 15.86 -12.53
N LEU A 569 -12.73 15.27 -11.68
CA LEU A 569 -13.17 14.16 -10.84
C LEU A 569 -14.00 14.65 -9.67
N GLU A 570 -13.45 15.62 -8.93
CA GLU A 570 -14.10 16.15 -7.75
C GLU A 570 -13.76 17.63 -7.56
N ALA A 571 -14.77 18.39 -7.15
CA ALA A 571 -14.60 19.81 -6.88
C ALA A 571 -15.65 20.29 -5.89
N PHE A 572 -15.23 20.64 -4.68
CA PHE A 572 -16.15 21.20 -3.71
C PHE A 572 -15.59 22.45 -3.04
N GLY A 573 -16.49 23.31 -2.57
CA GLY A 573 -16.11 24.54 -1.91
C GLY A 573 -17.19 25.03 -0.97
N GLY A 574 -16.78 25.64 0.14
CA GLY A 574 -17.74 26.14 1.11
C GLY A 574 -17.11 26.91 2.27
N PHE A 575 -17.83 26.97 3.38
CA PHE A 575 -17.36 27.71 4.54
C PHE A 575 -17.49 26.91 5.84
N GLU A 576 -16.64 27.26 6.80
CA GLU A 576 -16.71 26.72 8.15
C GLU A 576 -16.79 27.84 9.17
N TYR A 577 -17.98 28.01 9.76
CA TYR A 577 -18.18 28.96 10.83
C TYR A 577 -17.83 28.32 12.17
N ASP A 578 -16.78 28.83 12.81
CA ASP A 578 -16.33 28.30 14.09
C ASP A 578 -16.74 29.21 15.24
N SER A 579 -17.94 29.02 15.75
CA SER A 579 -18.44 29.81 16.87
C SER A 579 -17.79 29.38 18.17
N CYS A 580 -17.99 30.16 19.22
CA CYS A 580 -17.46 29.83 20.54
C CYS A 580 -18.20 28.64 21.13
N CYS A 581 -19.42 28.41 20.64
CA CYS A 581 -20.25 27.32 21.13
C CYS A 581 -20.38 26.19 20.11
N TRP A 582 -20.86 26.51 18.91
CA TRP A 582 -21.06 25.48 17.89
C TRP A 582 -20.09 25.61 16.72
N LYS A 583 -20.14 24.62 15.83
CA LYS A 583 -19.33 24.61 14.63
C LYS A 583 -20.18 24.18 13.42
N LEU A 584 -20.18 25.01 12.38
CA LEU A 584 -21.01 24.73 11.21
C LEU A 584 -20.19 24.64 9.93
N ARG A 585 -20.26 23.50 9.26
CA ARG A 585 -19.56 23.31 7.99
C ARG A 585 -20.53 23.11 6.84
N LEU A 586 -20.47 23.99 5.85
CA LEU A 586 -21.36 23.88 4.69
C LEU A 586 -20.57 23.92 3.38
N ILE A 587 -20.76 22.91 2.54
CA ILE A 587 -20.05 22.87 1.26
C ILE A 587 -20.94 22.50 0.09
N ASN A 588 -20.63 23.06 -1.08
CA ASN A 588 -21.21 22.65 -2.34
C ASN A 588 -20.23 21.72 -3.04
N ARG A 589 -20.68 20.54 -3.42
CA ARG A 589 -19.78 19.49 -3.90
C ARG A 589 -20.22 18.87 -5.23
N TYR A 590 -19.26 18.67 -6.12
CA TYR A 590 -19.48 17.96 -7.37
C TYR A 590 -18.49 16.81 -7.49
N TRP A 591 -18.96 15.61 -7.77
CA TRP A 591 -18.04 14.48 -7.83
C TRP A 591 -18.52 13.35 -8.74
N LEU A 592 -17.57 12.63 -9.31
CA LEU A 592 -17.88 11.46 -10.11
C LEU A 592 -17.88 10.20 -9.25
N ASP A 593 -18.86 9.34 -9.48
CA ASP A 593 -18.94 8.06 -8.79
C ASP A 593 -18.88 6.93 -9.80
N VAL A 594 -18.34 5.79 -9.36
CA VAL A 594 -18.22 4.62 -10.19
C VAL A 594 -19.60 4.04 -10.50
N ASP A 595 -19.73 3.41 -11.65
CA ASP A 595 -20.99 2.78 -12.02
C ASP A 595 -20.74 1.66 -13.02
N ASP A 596 -21.59 0.63 -12.96
CA ASP A 596 -21.57 -0.43 -13.96
C ASP A 596 -22.99 -0.70 -14.40
N ASP A 597 -23.34 -0.19 -15.58
CA ASP A 597 -24.71 -0.29 -16.09
C ASP A 597 -25.14 -1.72 -16.36
N ALA A 598 -26.36 -1.87 -16.84
CA ALA A 598 -26.94 -3.20 -17.09
C ALA A 598 -26.20 -3.95 -18.18
N PHE A 599 -25.47 -3.22 -19.02
CA PHE A 599 -24.73 -3.83 -20.13
C PHE A 599 -23.32 -4.21 -19.71
N LEU A 600 -23.05 -4.12 -18.41
CA LEU A 600 -21.78 -4.54 -17.81
C LEU A 600 -20.56 -3.85 -18.43
N VAL A 601 -20.60 -2.53 -18.52
CA VAL A 601 -19.43 -1.75 -18.90
C VAL A 601 -19.17 -0.67 -17.86
N GLN A 602 -17.90 -0.39 -17.61
CA GLN A 602 -17.52 0.59 -16.60
C GLN A 602 -17.86 2.01 -17.04
N SER A 603 -18.86 2.60 -16.38
CA SER A 603 -19.27 3.96 -16.67
C SER A 603 -19.07 4.87 -15.47
N GLU A 604 -18.71 6.12 -15.74
CA GLU A 604 -18.50 7.12 -14.68
C GLU A 604 -19.69 8.07 -14.65
N LYS A 605 -20.30 8.25 -13.48
CA LYS A 605 -21.47 9.12 -13.42
C LYS A 605 -21.38 10.15 -12.30
N ALA A 606 -21.54 11.41 -12.66
CA ALA A 606 -21.30 12.53 -11.75
C ALA A 606 -22.55 12.95 -10.98
N ASP A 607 -22.34 13.80 -9.98
CA ASP A 607 -23.43 14.30 -9.15
C ASP A 607 -23.02 15.57 -8.40
N ARG A 608 -23.98 16.48 -8.26
CA ARG A 608 -23.77 17.73 -7.52
C ARG A 608 -24.74 17.80 -6.35
N GLY A 609 -24.27 18.32 -5.22
CA GLY A 609 -25.12 18.43 -4.04
C GLY A 609 -24.59 19.36 -2.96
N ILE A 610 -25.47 19.68 -2.00
CA ILE A 610 -25.10 20.49 -0.85
C ILE A 610 -24.96 19.62 0.40
N PHE A 611 -23.87 19.81 1.13
CA PHE A 611 -23.62 19.04 2.34
C PHE A 611 -23.43 19.97 3.55
N LEU A 612 -24.17 19.69 4.61
CA LEU A 612 -24.11 20.49 5.83
C LEU A 612 -23.87 19.62 7.06
N GLN A 613 -23.03 20.08 7.97
CA GLN A 613 -22.72 19.34 9.17
C GLN A 613 -22.48 20.24 10.37
N ILE A 614 -23.03 19.85 11.51
CA ILE A 614 -22.82 20.57 12.77
C ILE A 614 -21.85 19.78 13.64
N VAL A 615 -21.13 20.46 14.53
CA VAL A 615 -20.18 19.81 15.40
C VAL A 615 -19.94 20.60 16.69
N LEU A 616 -19.81 19.89 17.80
CA LEU A 616 -19.46 20.49 19.08
C LEU A 616 -18.14 19.90 19.60
N LYS A 617 -17.10 20.71 19.63
CA LYS A 617 -15.79 20.25 20.09
C LYS A 617 -15.00 21.36 20.77
N ASN B 3 39.50 16.90 -2.89
CA ASN B 3 39.29 17.79 -1.77
C ASN B 3 38.50 19.05 -2.15
N THR B 4 37.99 19.06 -3.38
CA THR B 4 37.23 20.21 -3.88
C THR B 4 35.87 20.32 -3.23
N SER B 5 35.26 19.17 -2.93
CA SER B 5 33.92 19.13 -2.37
C SER B 5 33.90 19.38 -0.87
N GLY B 6 34.64 18.56 -0.14
CA GLY B 6 34.63 18.59 1.31
C GLY B 6 34.14 17.27 1.85
N PHE B 7 33.72 16.39 0.94
CA PHE B 7 33.27 15.05 1.31
C PHE B 7 34.45 14.13 1.63
N GLN B 8 34.25 13.25 2.60
CA GLN B 8 35.25 12.25 2.93
C GLN B 8 34.58 11.07 3.65
N LEU B 9 35.14 9.89 3.47
CA LEU B 9 34.57 8.65 4.02
C LEU B 9 34.28 8.71 5.52
N ARG B 10 33.23 7.99 5.93
CA ARG B 10 32.84 7.91 7.33
C ARG B 10 33.87 7.12 8.10
N GLY B 11 34.18 7.57 9.31
CA GLY B 11 35.09 6.86 10.20
C GLY B 11 34.48 6.55 11.55
N LEU B 12 34.78 5.35 12.07
CA LEU B 12 34.22 4.79 13.31
C LEU B 12 33.61 5.80 14.31
N GLY B 13 34.33 6.89 14.54
CA GLY B 13 33.90 7.91 15.48
C GLY B 13 32.53 8.49 15.20
N ASP B 14 32.04 8.28 13.98
CA ASP B 14 30.73 8.78 13.59
C ASP B 14 29.63 7.77 13.92
N ALA B 15 29.81 6.53 13.46
CA ALA B 15 28.82 5.48 13.70
C ALA B 15 29.10 4.75 15.01
N GLN B 16 29.73 5.46 15.94
CA GLN B 16 30.13 4.90 17.23
C GLN B 16 28.94 4.45 18.07
N PHE B 17 27.83 5.16 17.95
CA PHE B 17 26.63 4.92 18.76
C PHE B 17 26.92 5.12 20.25
N ALA B 18 26.55 6.28 20.78
CA ALA B 18 26.85 6.64 22.16
C ALA B 18 26.19 5.68 23.16
N LEU B 19 24.86 5.61 23.12
CA LEU B 19 24.14 4.70 24.00
C LEU B 19 24.30 3.26 23.49
N LYS B 20 25.03 2.45 24.25
CA LYS B 20 25.38 1.09 23.81
C LYS B 20 24.46 0.02 24.36
N GLU B 21 23.40 0.42 25.06
CA GLU B 21 22.45 -0.53 25.64
C GLU B 21 21.12 0.13 25.96
N ILE B 22 20.03 -0.53 25.59
CA ILE B 22 18.69 0.01 25.76
C ILE B 22 17.63 -1.09 25.64
N ASP B 23 16.59 -1.02 26.46
CA ASP B 23 15.52 -2.00 26.42
C ASP B 23 14.48 -1.68 25.36
N VAL B 24 14.57 -2.35 24.21
CA VAL B 24 13.63 -2.13 23.14
C VAL B 24 12.38 -2.99 23.29
N SER B 25 11.23 -2.32 23.44
CA SER B 25 9.94 -3.00 23.54
C SER B 25 8.93 -2.36 22.61
N ALA B 26 7.83 -3.06 22.35
CA ALA B 26 6.81 -2.55 21.44
C ALA B 26 5.43 -3.07 21.81
N ARG B 27 4.39 -2.34 21.39
CA ARG B 27 3.01 -2.78 21.57
C ARG B 27 2.81 -4.13 20.87
N ASN B 28 3.42 -4.26 19.70
CA ASN B 28 3.49 -5.56 19.03
C ASN B 28 4.76 -6.26 19.49
N ALA B 29 4.68 -6.93 20.63
CA ALA B 29 5.83 -7.52 21.31
C ALA B 29 6.69 -8.38 20.39
N TYR B 30 6.03 -9.21 19.59
CA TYR B 30 6.74 -10.02 18.60
C TYR B 30 6.25 -9.63 17.21
N GLY B 31 7.12 -8.98 16.45
CA GLY B 31 6.77 -8.54 15.11
C GLY B 31 7.99 -8.19 14.31
N PRO B 32 7.84 -8.10 12.97
CA PRO B 32 8.95 -7.79 12.06
C PRO B 32 9.66 -6.48 12.40
N THR B 33 8.87 -5.45 12.72
CA THR B 33 9.41 -4.14 13.03
C THR B 33 10.36 -4.16 14.21
N VAL B 34 9.85 -4.57 15.37
CA VAL B 34 10.64 -4.59 16.60
C VAL B 34 11.80 -5.58 16.52
N ARG B 35 11.55 -6.74 15.91
CA ARG B 35 12.58 -7.77 15.78
C ARG B 35 13.75 -7.29 14.93
N GLU B 36 13.45 -6.79 13.73
CA GLU B 36 14.49 -6.29 12.84
C GLU B 36 15.13 -5.02 13.41
N LEU B 37 14.39 -4.32 14.26
CA LEU B 37 14.93 -3.15 14.94
C LEU B 37 16.03 -3.57 15.91
N LYS B 38 15.70 -4.48 16.82
CA LYS B 38 16.66 -5.03 17.77
C LYS B 38 17.85 -5.65 17.05
N GLU B 39 17.56 -6.30 15.91
CA GLU B 39 18.58 -6.90 15.08
C GLU B 39 19.57 -5.86 14.55
N THR B 40 19.04 -4.80 13.95
CA THR B 40 19.86 -3.73 13.41
C THR B 40 20.69 -3.06 14.50
N LEU B 41 20.07 -2.85 15.66
CA LEU B 41 20.75 -2.24 16.78
C LEU B 41 21.92 -3.10 17.28
N GLU B 42 21.66 -4.40 17.42
CA GLU B 42 22.69 -5.33 17.86
C GLU B 42 23.83 -5.39 16.84
N ASN B 43 23.48 -5.33 15.57
CA ASN B 43 24.49 -5.30 14.51
C ASN B 43 25.25 -3.98 14.50
N SER B 44 24.65 -2.95 15.09
CA SER B 44 25.29 -1.65 15.16
C SER B 44 26.23 -1.54 16.35
N GLY B 45 26.10 -2.47 17.31
CA GLY B 45 26.97 -2.51 18.47
C GLY B 45 26.26 -2.22 19.77
N VAL B 46 24.93 -2.20 19.73
CA VAL B 46 24.13 -1.92 20.91
C VAL B 46 23.37 -3.15 21.37
N LYS B 47 23.65 -3.62 22.59
CA LYS B 47 22.97 -4.79 23.11
C LYS B 47 21.57 -4.43 23.61
N VAL B 48 20.65 -5.37 23.50
CA VAL B 48 19.28 -5.15 23.92
C VAL B 48 18.92 -6.08 25.08
N THR B 49 18.40 -5.51 26.15
CA THR B 49 18.07 -6.28 27.35
C THR B 49 16.94 -5.63 28.15
N SER B 50 16.02 -6.45 28.65
CA SER B 50 14.92 -5.98 29.48
C SER B 50 15.45 -5.23 30.70
N ASN B 51 16.53 -5.73 31.27
CA ASN B 51 17.21 -5.05 32.36
C ASN B 51 17.93 -3.82 31.84
N ALA B 52 17.28 -2.66 31.98
CA ALA B 52 17.83 -1.40 31.50
C ALA B 52 17.07 -0.22 32.09
N PRO B 53 17.78 0.86 32.44
CA PRO B 53 17.12 2.07 32.95
C PRO B 53 16.46 2.86 31.84
N TYR B 54 16.93 2.65 30.61
CA TYR B 54 16.38 3.34 29.45
C TYR B 54 15.68 2.37 28.50
N HIS B 55 14.43 2.67 28.19
CA HIS B 55 13.64 1.83 27.28
C HIS B 55 13.19 2.61 26.06
N LEU B 56 13.22 1.95 24.91
CA LEU B 56 12.60 2.48 23.70
C LEU B 56 11.29 1.74 23.45
N VAL B 57 10.18 2.42 23.64
CA VAL B 57 8.88 1.78 23.52
C VAL B 57 8.14 2.22 22.26
N LEU B 58 7.78 1.24 21.43
CA LEU B 58 7.03 1.50 20.21
C LEU B 58 5.54 1.27 20.45
N VAL B 59 4.78 2.36 20.57
CA VAL B 59 3.35 2.24 20.79
C VAL B 59 2.58 2.72 19.57
N ARG B 60 1.57 1.95 19.17
CA ARG B 60 0.74 2.26 18.01
C ARG B 60 1.56 2.37 16.74
N GLU B 61 1.77 1.23 16.09
CA GLU B 61 2.30 1.23 14.72
C GLU B 61 1.12 1.19 13.77
N ASP B 62 1.02 2.18 12.89
CA ASP B 62 -0.15 2.30 12.04
C ASP B 62 0.19 2.19 10.56
N ASN B 63 -0.58 1.37 9.86
CA ASN B 63 -0.43 1.21 8.42
C ASN B 63 -1.69 1.68 7.69
N GLN B 64 -1.64 2.89 7.15
CA GLN B 64 -2.79 3.47 6.49
C GLN B 64 -2.67 3.40 4.97
N GLN B 65 -3.81 3.46 4.30
CA GLN B 65 -3.87 3.39 2.84
C GLN B 65 -4.98 4.27 2.30
N ARG B 66 -4.66 5.06 1.27
CA ARG B 66 -5.65 5.90 0.61
C ARG B 66 -5.41 5.94 -0.89
N THR B 67 -6.48 6.19 -1.64
CA THR B 67 -6.38 6.30 -3.09
C THR B 67 -5.84 7.69 -3.46
N VAL B 68 -4.92 7.73 -4.42
CA VAL B 68 -4.25 8.97 -4.76
C VAL B 68 -4.38 9.31 -6.25
N SER B 69 -4.77 8.32 -7.05
CA SER B 69 -5.04 8.54 -8.46
C SER B 69 -6.15 7.61 -8.92
N TYR B 70 -6.78 7.94 -10.04
CA TYR B 70 -7.96 7.22 -10.48
C TYR B 70 -7.89 6.84 -11.95
N THR B 71 -8.52 5.72 -12.30
CA THR B 71 -8.51 5.22 -13.66
C THR B 71 -9.42 6.05 -14.57
N GLY B 72 -9.54 5.62 -15.82
CA GLY B 72 -10.39 6.30 -16.78
C GLY B 72 -11.87 6.07 -16.47
N SER B 73 -12.13 5.09 -15.61
CA SER B 73 -13.48 4.78 -15.19
C SER B 73 -13.71 5.20 -13.74
N ALA B 74 -12.97 6.20 -13.29
CA ALA B 74 -13.09 6.76 -11.95
C ALA B 74 -12.85 5.71 -10.85
N ARG B 75 -12.06 4.70 -11.16
CA ARG B 75 -11.74 3.65 -10.19
C ARG B 75 -10.28 3.80 -9.74
N GLY B 76 -9.96 3.20 -8.60
CA GLY B 76 -8.63 3.31 -8.01
C GLY B 76 -7.52 2.84 -8.92
N ALA B 77 -6.53 3.71 -9.14
CA ALA B 77 -5.41 3.40 -10.04
C ALA B 77 -4.11 3.24 -9.26
N GLU B 78 -3.89 4.12 -8.30
CA GLU B 78 -2.69 4.08 -7.47
C GLU B 78 -3.01 4.27 -6.00
N PHE B 79 -2.41 3.44 -5.16
CA PHE B 79 -2.61 3.53 -3.72
C PHE B 79 -1.37 4.07 -3.02
N GLU B 80 -1.59 4.89 -2.00
CA GLU B 80 -0.50 5.44 -1.21
C GLU B 80 -0.48 4.83 0.19
N LEU B 81 0.48 3.96 0.45
CA LEU B 81 0.64 3.35 1.77
C LEU B 81 1.50 4.24 2.66
N THR B 82 1.02 4.50 3.87
CA THR B 82 1.76 5.32 4.83
C THR B 82 1.97 4.59 6.15
N ASN B 83 3.22 4.24 6.42
CA ASN B 83 3.57 3.58 7.68
C ASN B 83 4.03 4.61 8.70
N THR B 84 3.40 4.57 9.88
CA THR B 84 3.70 5.52 10.94
C THR B 84 3.87 4.82 12.28
N ILE B 85 5.06 4.97 12.86
CA ILE B 85 5.36 4.40 14.16
C ILE B 85 5.53 5.50 15.20
N ASN B 86 4.79 5.40 16.30
CA ASN B 86 4.91 6.35 17.40
C ASN B 86 5.77 5.79 18.52
N TYR B 87 6.95 6.37 18.70
CA TYR B 87 7.89 5.87 19.69
C TYR B 87 8.05 6.84 20.86
N GLU B 88 8.29 6.28 22.04
CA GLU B 88 8.61 7.10 23.19
C GLU B 88 9.76 6.50 23.97
N ILE B 89 10.68 7.36 24.40
CA ILE B 89 11.80 6.94 25.22
C ILE B 89 11.47 7.14 26.69
N VAL B 90 11.46 6.02 27.41
CA VAL B 90 11.08 5.98 28.81
C VAL B 90 12.31 5.75 29.69
N GLY B 91 12.33 6.36 30.87
CA GLY B 91 13.46 6.21 31.76
C GLY B 91 13.10 5.59 33.09
N ALA B 92 13.57 6.20 34.17
CA ALA B 92 13.34 5.67 35.51
C ALA B 92 11.89 5.82 35.94
N ASN B 93 11.37 4.78 36.57
CA ASN B 93 10.03 4.77 37.15
C ASN B 93 8.92 5.04 36.14
N ASP B 94 9.01 4.42 34.98
CA ASP B 94 7.98 4.52 33.94
C ASP B 94 7.68 5.96 33.52
N LEU B 95 8.70 6.81 33.57
CA LEU B 95 8.55 8.20 33.17
C LEU B 95 8.91 8.39 31.71
N VAL B 96 7.95 8.89 30.93
CA VAL B 96 8.17 9.16 29.51
C VAL B 96 9.16 10.30 29.32
N LEU B 97 10.44 9.96 29.15
CA LEU B 97 11.49 10.96 28.98
C LEU B 97 11.22 11.81 27.76
N MET B 98 10.92 11.17 26.64
CA MET B 98 10.54 11.91 25.45
C MET B 98 9.62 11.09 24.56
N SER B 99 9.07 11.71 23.53
CA SER B 99 8.12 11.04 22.66
C SER B 99 8.02 11.73 21.30
N ASN B 100 7.96 10.92 20.25
CA ASN B 100 7.83 11.44 18.89
C ASN B 100 7.31 10.37 17.95
N GLN B 101 7.19 10.72 16.67
CA GLN B 101 6.77 9.75 15.67
C GLN B 101 7.72 9.74 14.48
N VAL B 102 7.71 8.64 13.75
CA VAL B 102 8.49 8.53 12.52
C VAL B 102 7.63 7.84 11.48
N GLN B 103 7.58 8.40 10.27
CA GLN B 103 6.73 7.83 9.23
C GLN B 103 7.37 7.86 7.85
N VAL B 104 6.79 7.09 6.94
CA VAL B 104 7.22 7.08 5.54
C VAL B 104 6.03 6.67 4.68
N GLN B 105 6.05 7.05 3.41
CA GLN B 105 4.95 6.71 2.51
C GLN B 105 5.42 6.43 1.09
N LYS B 106 4.77 5.46 0.46
CA LYS B 106 5.10 5.08 -0.91
C LYS B 106 3.85 4.78 -1.72
N VAL B 107 3.96 4.91 -3.04
CA VAL B 107 2.82 4.74 -3.92
C VAL B 107 3.00 3.55 -4.87
N TYR B 108 1.99 2.70 -4.99
CA TYR B 108 2.06 1.57 -5.91
C TYR B 108 0.81 1.48 -6.78
N VAL B 109 0.95 0.86 -7.94
CA VAL B 109 -0.15 0.74 -8.89
C VAL B 109 -1.08 -0.43 -8.52
N HIS B 110 -2.34 -0.12 -8.29
CA HIS B 110 -3.32 -1.14 -7.90
C HIS B 110 -4.11 -1.66 -9.10
N ASP B 111 -4.25 -2.97 -9.18
CA ASP B 111 -5.01 -3.61 -10.25
C ASP B 111 -6.32 -4.17 -9.71
N GLU B 112 -7.43 -3.77 -10.31
CA GLU B 112 -8.74 -4.22 -9.87
C GLU B 112 -9.04 -5.64 -10.34
N ASN B 113 -8.22 -6.15 -11.25
CA ASN B 113 -8.42 -7.48 -11.80
C ASN B 113 -7.32 -8.45 -11.39
N ASN B 114 -6.42 -7.99 -10.52
CA ASN B 114 -5.34 -8.81 -9.98
C ASN B 114 -5.07 -8.41 -8.54
N LEU B 115 -5.98 -8.79 -7.65
CA LEU B 115 -5.97 -8.34 -6.26
C LEU B 115 -4.83 -8.93 -5.44
N ILE B 116 -4.55 -10.22 -5.65
CA ILE B 116 -3.52 -10.91 -4.88
C ILE B 116 -2.13 -10.40 -5.23
N GLY B 117 -1.89 -10.14 -6.50
CA GLY B 117 -0.63 -9.60 -6.95
C GLY B 117 -0.40 -8.23 -6.33
N SER B 118 -1.46 -7.43 -6.28
CA SER B 118 -1.40 -6.10 -5.67
C SER B 118 -1.15 -6.22 -4.18
N ASP B 119 -1.68 -7.27 -3.56
CA ASP B 119 -1.47 -7.51 -2.14
C ASP B 119 -0.01 -7.88 -1.88
N GLN B 120 0.58 -8.63 -2.80
CA GLN B 120 1.98 -9.01 -2.70
C GLN B 120 2.88 -7.79 -2.87
N GLU B 121 2.55 -6.96 -3.85
CA GLU B 121 3.29 -5.72 -4.09
C GLU B 121 3.21 -4.82 -2.86
N ALA B 122 2.02 -4.74 -2.27
CA ALA B 122 1.80 -3.96 -1.07
C ALA B 122 2.60 -4.52 0.10
N ALA B 123 2.73 -5.84 0.16
CA ALA B 123 3.47 -6.50 1.22
C ALA B 123 4.97 -6.18 1.13
N GLN B 124 5.52 -6.35 -0.06
CA GLN B 124 6.93 -6.02 -0.32
C GLN B 124 7.20 -4.56 0.00
N LEU B 125 6.30 -3.69 -0.45
CA LEU B 125 6.41 -2.27 -0.18
C LEU B 125 6.41 -2.01 1.33
N ARG B 126 5.55 -2.72 2.06
CA ARG B 126 5.48 -2.59 3.50
C ARG B 126 6.77 -3.04 4.18
N SER B 127 7.41 -4.06 3.62
CA SER B 127 8.70 -4.52 4.13
C SER B 127 9.77 -3.46 3.95
N GLU B 128 9.84 -2.90 2.74
CA GLU B 128 10.82 -1.85 2.44
C GLU B 128 10.62 -0.63 3.33
N MET B 129 9.36 -0.21 3.46
CA MET B 129 9.01 0.91 4.34
C MET B 129 9.38 0.61 5.78
N ARG B 130 9.18 -0.64 6.19
CA ARG B 130 9.54 -1.09 7.53
C ARG B 130 11.02 -0.88 7.79
N ARG B 131 11.85 -1.38 6.87
CA ARG B 131 13.30 -1.25 7.01
C ARG B 131 13.74 0.21 6.96
N ASP B 132 13.02 1.02 6.20
CA ASP B 132 13.32 2.45 6.15
C ASP B 132 13.04 3.12 7.49
N LEU B 133 11.91 2.78 8.09
CA LEU B 133 11.53 3.32 9.40
C LEU B 133 12.54 2.91 10.47
N ILE B 134 12.99 1.66 10.39
CA ILE B 134 14.00 1.16 11.31
C ILE B 134 15.30 1.91 11.11
N GLN B 135 15.63 2.21 9.86
CA GLN B 135 16.80 3.03 9.55
C GLN B 135 16.72 4.40 10.20
N GLN B 136 15.57 5.05 10.04
CA GLN B 136 15.36 6.38 10.63
C GLN B 136 15.46 6.35 12.15
N LEU B 137 14.82 5.36 12.77
CA LEU B 137 14.90 5.19 14.21
C LEU B 137 16.35 4.97 14.67
N SER B 138 17.12 4.26 13.85
CA SER B 138 18.53 4.03 14.14
C SER B 138 19.30 5.35 14.13
N MET B 139 19.08 6.14 13.07
CA MET B 139 19.72 7.44 12.95
C MET B 139 19.37 8.34 14.14
N ARG B 140 18.12 8.26 14.58
CA ARG B 140 17.66 9.08 15.70
C ARG B 140 18.30 8.62 17.03
N LEU B 141 18.38 7.31 17.23
CA LEU B 141 18.94 6.78 18.47
C LEU B 141 20.45 6.96 18.55
N GLN B 142 21.10 7.06 17.39
CA GLN B 142 22.56 7.26 17.36
C GLN B 142 22.94 8.63 17.92
N ALA B 143 22.14 9.63 17.63
CA ALA B 143 22.43 11.01 18.05
C ALA B 143 22.23 11.23 19.54
N LEU B 144 21.64 10.24 20.21
CA LEU B 144 21.38 10.33 21.63
C LEU B 144 22.66 10.27 22.46
N THR B 145 22.62 10.92 23.63
CA THR B 145 23.72 10.86 24.58
C THR B 145 23.18 10.54 25.97
N PRO B 146 23.93 9.75 26.74
CA PRO B 146 23.54 9.43 28.11
C PRO B 146 23.48 10.66 29.01
N ALA B 147 24.06 11.76 28.55
CA ALA B 147 24.08 13.01 29.30
C ALA B 147 22.69 13.64 29.39
N GLN B 148 21.81 13.27 28.47
CA GLN B 148 20.45 13.79 28.46
C GLN B 148 19.61 13.12 29.52
N LEU B 149 19.33 13.84 30.61
CA LEU B 149 18.65 13.28 31.77
C LEU B 149 17.15 13.57 31.76
N ASP B 150 16.47 13.11 32.80
CA ASP B 150 15.01 13.17 32.86
C ASP B 150 14.48 14.55 33.21
N GLU B 151 15.25 15.28 34.02
CA GLU B 151 14.85 16.58 34.61
C GLU B 151 13.37 16.64 34.99
N ALA B 152 12.87 15.55 35.56
CA ALA B 152 11.47 15.45 35.95
C ALA B 152 11.11 16.48 37.02
N GLN B 153 9.93 17.08 36.88
CA GLN B 153 9.49 18.11 37.82
C GLN B 153 7.97 18.15 37.94
N ARG B 154 7.47 17.85 39.13
CA ARG B 154 6.04 17.94 39.43
C ARG B 154 5.81 18.34 40.88
C1 C8E C . -13.00 24.30 -21.53
C2 C8E C . -12.40 24.70 -20.19
C3 C8E C . -11.16 23.85 -19.89
C4 C8E C . -11.51 22.70 -18.94
C5 C8E C . -10.84 22.92 -17.59
C6 C8E C . -9.35 22.64 -17.68
C7 C8E C . -8.57 23.49 -16.68
C8 C8E C . -7.28 22.79 -16.25
O9 C8E C . -6.30 23.74 -15.96
C10 C8E C . -6.64 24.53 -14.83
C11 C8E C . -5.37 25.20 -14.30
O12 C8E C . -5.69 26.40 -13.63
C13 C8E C . -5.21 26.41 -12.30
C14 C8E C . -5.91 27.51 -11.51
O15 C8E C . -6.13 27.08 -10.18
C16 C8E C . -7.43 27.41 -9.72
C17 C8E C . -7.89 26.32 -8.76
O18 C8E C . -7.34 26.54 -7.48
C19 C8E C . -8.33 26.76 -6.50
C20 C8E C . -8.33 25.59 -5.53
O21 C8E C . -9.59 24.96 -5.51
C1 C8E D . -27.46 21.28 -5.78
C2 C8E D . -26.04 21.72 -6.14
C3 C8E D . -26.01 22.34 -7.53
C4 C8E D . -24.86 23.34 -7.67
C5 C8E D . -23.90 22.86 -8.76
C6 C8E D . -22.57 22.42 -8.18
C7 C8E D . -21.43 23.08 -8.94
C8 C8E D . -20.07 22.49 -8.57
O9 C8E D . -19.32 23.41 -7.81
C10 C8E D . -19.35 23.19 -6.41
C11 C8E D . -18.28 24.09 -5.83
O12 C8E D . -18.20 25.21 -6.70
C13 C8E D . -18.08 26.42 -6.01
C14 C8E D . -19.37 26.79 -5.29
O15 C8E D . -19.00 27.22 -4.00
C16 C8E D . -20.01 27.18 -3.02
C17 C8E D . -20.02 28.50 -2.25
O18 C8E D . -18.78 28.71 -1.61
C19 C8E D . -17.90 29.52 -2.36
C20 C8E D . -16.66 29.85 -1.53
O21 C8E D . -15.56 29.11 -2.04
C1 C8E E . -12.40 -16.07 6.00
C2 C8E E . -12.38 -17.11 4.88
C3 C8E E . -13.48 -16.84 3.85
C4 C8E E . -13.05 -17.33 2.47
C5 C8E E . -14.08 -18.30 1.88
C6 C8E E . -14.19 -18.11 0.38
C7 C8E E . -15.24 -17.06 0.03
C8 C8E E . -15.14 -16.66 -1.44
O9 C8E E . -16.44 -16.43 -1.94
C10 C8E E . -17.01 -15.26 -1.41
C11 C8E E . -18.46 -15.17 -1.87
O12 C8E E . -19.16 -16.31 -1.42
C13 C8E E . -20.07 -16.03 -0.38
C14 C8E E . -19.47 -16.45 0.96
O15 C8E E . -20.19 -17.53 1.50
C16 C8E E . -20.80 -17.24 2.74
C17 C8E E . -19.79 -16.56 3.66
O18 C8E E . -20.29 -16.51 4.98
C19 C8E E . -19.87 -17.63 5.73
C20 C8E E . -18.82 -17.20 6.74
O21 C8E E . -17.63 -17.93 6.52
C1 C8E F . -27.70 -14.13 13.93
C2 C8E F . -26.29 -14.06 13.36
C3 C8E F . -25.24 -14.62 14.32
C4 C8E F . -25.77 -15.79 15.14
C5 C8E F . -25.60 -15.55 16.64
C6 C8E F . -24.13 -15.29 16.97
C7 C8E F . -23.30 -16.55 16.85
C8 C8E F . -23.43 -17.44 18.09
O9 C8E F . -22.23 -17.38 18.83
C10 C8E F . -22.25 -16.41 19.85
C11 C8E F . -20.85 -16.28 20.43
O12 C8E F . -20.12 -15.33 19.68
C13 C8E F . -19.35 -14.49 20.50
C14 C8E F . -20.20 -13.34 21.04
O15 C8E F . -19.67 -12.11 20.60
C16 C8E F . -18.62 -11.64 21.41
C17 C8E F . -19.06 -11.53 22.87
O18 C8E F . -18.32 -12.44 23.66
C19 C8E F . -16.93 -12.23 23.56
C20 C8E F . -16.41 -11.62 24.86
O21 C8E F . -15.54 -10.55 24.56
C1 C8E G . -14.69 24.15 -6.72
C2 C8E G . -13.55 25.01 -6.19
C3 C8E G . -13.42 26.31 -6.97
C4 C8E G . -12.42 26.17 -8.11
C5 C8E G . -13.11 26.22 -9.46
C6 C8E G . -13.06 24.85 -10.14
C7 C8E G . -14.41 24.48 -10.73
C8 C8E G . -14.35 23.08 -11.35
O9 C8E G . -15.55 22.39 -11.08
C10 C8E G . -16.48 22.53 -12.14
C11 C8E G . -17.58 21.49 -11.96
O12 C8E G . -18.37 21.42 -13.14
C13 C8E G . -18.17 20.20 -13.83
C14 C8E G . -17.98 20.47 -15.32
O15 C8E G . -16.65 20.16 -15.69
C16 C8E G . -16.14 21.10 -16.61
C17 C8E G . -16.96 21.05 -17.89
O18 C8E G . -16.61 22.13 -18.74
C19 C8E G . -15.40 21.89 -19.44
C20 C8E G . -15.69 21.93 -20.93
O21 C8E G . -15.08 20.82 -21.56
C1 C8E H . 29.86 -9.07 -15.07
C2 C8E H . 28.96 -9.00 -16.30
C3 C8E H . 28.88 -10.35 -17.00
C4 C8E H . 28.77 -11.49 -16.01
C5 C8E H . 27.59 -12.41 -16.34
C6 C8E H . 27.73 -13.76 -15.64
C7 C8E H . 27.79 -14.91 -16.64
C8 C8E H . 29.06 -14.87 -17.47
O9 C8E H . 30.18 -14.75 -16.62
C10 C8E H . 30.63 -16.01 -16.17
C11 C8E H . 32.08 -15.89 -15.68
O12 C8E H . 32.11 -15.16 -14.49
C13 C8E H . 32.38 -15.98 -13.37
C14 C8E H . 31.10 -16.13 -12.56
O15 C8E H . 30.18 -15.13 -12.94
C16 C8E H . 29.39 -14.69 -11.87
C17 C8E H . 28.48 -15.82 -11.38
O18 C8E H . 27.35 -15.97 -12.23
C19 C8E H . 27.62 -16.78 -13.35
C20 C8E H . 27.15 -18.19 -13.09
O21 C8E H . 28.20 -19.10 -13.36
C1 C8E I . 19.30 -31.47 -6.94
C2 C8E I . 19.46 -29.95 -6.95
C3 C8E I . 19.15 -29.37 -8.32
C4 C8E I . 20.39 -28.93 -9.11
C5 C8E I . 21.68 -29.05 -8.30
C6 C8E I . 22.13 -27.69 -7.79
C7 C8E I . 23.04 -27.83 -6.58
C8 C8E I . 22.88 -26.63 -5.64
O9 C8E I . 21.50 -26.35 -5.51
C10 C8E I . 20.92 -27.05 -4.42
C11 C8E I . 19.52 -26.50 -4.20
O12 C8E I . 18.57 -27.30 -4.87
C13 C8E I . 17.28 -27.07 -4.35
C14 C8E I . 16.84 -28.23 -3.46
O15 C8E I . 15.43 -28.22 -3.41
C16 C8E I . 14.97 -27.51 -2.27
C17 C8E I . 15.47 -28.19 -1.00
O18 C8E I . 16.03 -27.22 -0.14
C19 C8E I . 15.06 -26.33 0.36
C20 C8E I . 15.05 -26.40 1.88
O21 C8E I . 13.71 -26.42 2.35
#